data_3KRC
#
_entry.id   3KRC
#
_cell.length_a   54.121
_cell.length_b   108.970
_cell.length_c   182.747
_cell.angle_alpha   90.00
_cell.angle_beta   90.00
_cell.angle_gamma   90.00
#
_symmetry.space_group_name_H-M   'P 21 21 21'
#
loop_
_entity.id
_entity.type
_entity.pdbx_description
1 polymer 'Geranyl diphosphate synthase large subunit'
2 polymer 'Geranyl diphosphate synthase small subunit'
3 non-polymer '3-METHYLBUT-3-ENYL TRIHYDROGEN DIPHOSPHATE'
4 non-polymer 1,2-ETHANEDIOL
5 water water
#
loop_
_entity_poly.entity_id
_entity_poly.type
_entity_poly.pdbx_seq_one_letter_code
_entity_poly.pdbx_strand_id
1 'polypeptide(L)'
;MFDFDGYMLRKAKSVNKALEAAVQMKEPLKIHESMRYSLLAGGKRVRPMLCIAACELVGGDESTAMPAACAVEMIHTMSL
MHDDLPCMDNDDLRRGKPTNHMAFGESVAVLAGDALLSFAFEHVAAATKGAPPERIVRVLGELAVSIGSEGLVAGQVVDV
CSEGMAEVGLDHLEFIHHHKTAALLQGSVVLGAILGGGKEEEVAKLRKFANCIGLLFQVVDDILDVTKSSKELGKTAGKD
LVADKTTYPKLIGVEKSKEFADRLNREAQEQLLHFHPHRAAPLIALANYIAYRDN
;
A,D
2 'polypeptide(L)'
;MQPYWAAIEADIERYLKKSITIRPPETVFGPMHHLTFAAPATAASTLCLAACELVGGDRSQAMAAAAAIHLVHAAAYVHE
HLPLTDGSRPVSKPAIQHKYGPNVELLTGDGIVPFGFELLAGSVDPARTDDPDRILRVIIEISRAGGPEGMISGLHREEE
IVDGNTSLDFIEYVCKKKYGEMHACGAACGAILGGAAEEEIQKLRNFGLYQGTLRGMMEMKNSHQLIDENIIGKLKELAL
EELGGFHGKNAELMSSLVAEPSLYAAHHHHHHHH
;
B,C
#
loop_
_chem_comp.id
_chem_comp.type
_chem_comp.name
_chem_comp.formula
EDO non-polymer 1,2-ETHANEDIOL 'C2 H6 O2'
IPE non-polymer '3-METHYLBUT-3-ENYL TRIHYDROGEN DIPHOSPHATE' 'C5 H12 O7 P2'
#
# COMPACT_ATOMS: atom_id res chain seq x y z
N MET A 1 29.15 21.55 30.28
CA MET A 1 28.03 20.72 30.82
C MET A 1 28.53 19.39 31.37
N PHE A 2 27.68 18.61 32.03
CA PHE A 2 28.18 17.30 32.47
C PHE A 2 27.57 16.30 31.52
N ASP A 3 28.43 15.38 31.08
CA ASP A 3 28.02 14.31 30.20
C ASP A 3 27.39 14.68 28.84
N PHE A 4 28.13 15.43 28.04
CA PHE A 4 27.82 15.79 26.69
C PHE A 4 27.64 14.47 25.88
N ASP A 5 28.48 13.45 26.06
CA ASP A 5 28.26 12.22 25.33
C ASP A 5 26.86 11.67 25.66
N GLY A 6 26.50 11.69 26.96
CA GLY A 6 25.19 11.15 27.39
C GLY A 6 24.06 11.91 26.74
N TYR A 7 24.26 13.21 26.62
CA TYR A 7 23.24 14.09 26.01
C TYR A 7 23.10 13.79 24.48
N MET A 8 24.23 13.62 23.79
CA MET A 8 24.22 13.29 22.36
C MET A 8 23.56 11.93 22.19
N LEU A 9 23.84 10.99 23.08
CA LEU A 9 23.27 9.68 22.92
C LEU A 9 21.76 9.59 23.09
N ARG A 10 21.21 10.30 24.08
CA ARG A 10 19.77 10.29 24.32
C ARG A 10 19.11 10.99 23.18
N LYS A 11 19.75 12.03 22.69
CA LYS A 11 19.11 12.71 21.60
C LYS A 11 19.10 11.85 20.32
N ALA A 12 20.21 11.18 20.02
CA ALA A 12 20.31 10.31 18.81
C ALA A 12 19.23 9.19 18.96
N LYS A 13 19.04 8.74 20.19
CA LYS A 13 18.06 7.69 20.43
C LYS A 13 16.65 8.13 20.18
N SER A 14 16.27 9.36 20.61
CA SER A 14 14.91 9.79 20.32
C SER A 14 14.75 9.88 18.79
N VAL A 15 15.77 10.45 18.13
CA VAL A 15 15.74 10.64 16.70
C VAL A 15 15.58 9.29 15.98
N ASN A 16 16.44 8.34 16.32
CA ASN A 16 16.32 7.03 15.76
C ASN A 16 14.92 6.39 15.90
N LYS A 17 14.29 6.59 17.05
CA LYS A 17 12.99 5.98 17.25
C LYS A 17 11.97 6.66 16.30
N ALA A 18 12.08 7.98 16.18
CA ALA A 18 11.20 8.76 15.32
C ALA A 18 11.48 8.46 13.81
N LEU A 19 12.74 8.28 13.43
CA LEU A 19 13.03 7.98 12.00
C LEU A 19 12.38 6.64 11.58
N GLU A 20 12.53 5.63 12.43
CA GLU A 20 12.00 4.29 12.27
C GLU A 20 10.51 4.36 12.06
N ALA A 21 9.83 5.12 12.92
CA ALA A 21 8.41 5.25 12.77
C ALA A 21 7.98 6.05 11.52
N ALA A 22 8.75 7.05 11.11
CA ALA A 22 8.41 7.91 9.98
C ALA A 22 8.47 7.21 8.60
N VAL A 23 9.45 6.32 8.44
CA VAL A 23 9.72 5.65 7.19
C VAL A 23 9.63 4.17 7.44
N GLN A 24 8.41 3.65 7.33
CA GLN A 24 8.13 2.23 7.50
C GLN A 24 8.34 1.45 6.19
N MET A 25 8.55 0.16 6.27
CA MET A 25 8.67 -0.55 5.02
C MET A 25 7.21 -0.60 4.50
N LYS A 26 7.02 -0.35 3.20
CA LYS A 26 5.70 -0.47 2.58
C LYS A 26 5.94 -0.55 1.06
N GLU A 27 4.89 -0.86 0.30
CA GLU A 27 4.95 -0.94 -1.16
C GLU A 27 5.13 0.42 -1.77
N PRO A 28 6.05 0.53 -2.75
CA PRO A 28 6.88 -0.62 -3.21
C PRO A 28 8.07 -0.80 -2.23
N LEU A 29 8.27 -2.05 -1.83
CA LEU A 29 9.31 -2.46 -0.91
C LEU A 29 10.79 -2.15 -1.20
N LYS A 30 11.28 -2.26 -2.44
CA LYS A 30 12.72 -1.96 -2.70
C LYS A 30 12.96 -0.49 -2.45
N ILE A 31 12.03 0.36 -2.90
CA ILE A 31 12.16 1.78 -2.63
C ILE A 31 12.22 2.11 -1.12
N HIS A 32 11.31 1.56 -0.31
CA HIS A 32 11.35 1.88 1.10
C HIS A 32 12.50 1.19 1.83
N GLU A 33 12.84 -0.02 1.41
CA GLU A 33 13.92 -0.77 1.96
C GLU A 33 15.19 0.12 1.79
N SER A 34 15.43 0.54 0.55
CA SER A 34 16.59 1.35 0.20
C SER A 34 16.58 2.64 1.06
N MET A 35 15.46 3.35 1.13
CA MET A 35 15.39 4.52 2.03
C MET A 35 15.89 4.16 3.45
N ARG A 36 15.32 3.09 4.02
CA ARG A 36 15.66 2.70 5.35
C ARG A 36 17.11 2.26 5.60
N TYR A 37 17.67 1.57 4.62
CA TYR A 37 19.03 1.03 4.63
C TYR A 37 20.00 2.12 4.97
N SER A 38 19.90 3.26 4.28
CA SER A 38 20.78 4.36 4.60
C SER A 38 20.28 5.31 5.71
N LEU A 39 18.98 5.42 5.92
CA LEU A 39 18.48 6.35 6.90
C LEU A 39 18.68 5.81 8.29
N LEU A 40 18.42 4.53 8.48
CA LEU A 40 18.55 3.98 9.82
C LEU A 40 19.95 3.35 10.15
N ALA A 41 20.94 3.52 9.28
CA ALA A 41 22.25 2.93 9.48
C ALA A 41 23.02 3.40 10.72
N GLY A 42 22.50 4.33 11.48
CA GLY A 42 23.31 4.77 12.59
C GLY A 42 23.72 6.16 12.18
N GLY A 43 24.78 6.68 12.81
CA GLY A 43 25.26 8.02 12.58
C GLY A 43 25.17 8.80 13.90
N LYS A 44 25.88 9.91 14.00
CA LYS A 44 25.83 10.71 15.24
C LYS A 44 24.52 11.55 15.40
N ARG A 45 23.82 11.77 14.29
CA ARG A 45 22.57 12.50 14.28
C ARG A 45 22.79 13.91 14.78
N VAL A 46 23.88 14.51 14.31
CA VAL A 46 24.22 15.86 14.72
C VAL A 46 23.20 16.94 14.25
N ARG A 47 22.71 16.78 13.02
CA ARG A 47 21.78 17.74 12.47
C ARG A 47 20.47 17.70 13.26
N PRO A 48 19.93 16.48 13.50
CA PRO A 48 18.68 16.39 14.26
C PRO A 48 18.89 17.03 15.65
N MET A 49 20.07 16.81 16.26
CA MET A 49 20.41 17.34 17.59
C MET A 49 20.44 18.86 17.54
N LEU A 50 21.18 19.44 16.57
CA LEU A 50 21.23 20.88 16.45
C LEU A 50 19.79 21.46 16.39
N CYS A 51 18.90 20.82 15.62
CA CYS A 51 17.55 21.28 15.45
C CYS A 51 16.78 21.25 16.79
N ILE A 52 16.83 20.13 17.48
CA ILE A 52 16.11 20.03 18.73
C ILE A 52 16.70 21.00 19.79
N ALA A 53 18.03 21.04 19.86
CA ALA A 53 18.76 21.86 20.78
C ALA A 53 18.31 23.31 20.58
N ALA A 54 18.29 23.80 19.36
CA ALA A 54 17.89 25.17 19.05
C ALA A 54 16.46 25.51 19.46
N CYS A 55 15.56 24.54 19.34
CA CYS A 55 14.17 24.71 19.71
C CYS A 55 14.06 24.86 21.25
N GLU A 56 14.74 23.95 21.91
CA GLU A 56 14.72 23.92 23.33
C GLU A 56 15.39 25.17 23.82
N LEU A 57 16.44 25.58 23.10
CA LEU A 57 17.22 26.76 23.49
C LEU A 57 16.36 27.99 23.71
N VAL A 58 15.41 28.15 22.82
CA VAL A 58 14.50 29.27 22.84
C VAL A 58 13.17 28.93 23.48
N GLY A 59 13.13 27.87 24.29
CA GLY A 59 11.90 27.54 24.99
C GLY A 59 10.93 26.57 24.39
N GLY A 60 11.25 26.01 23.22
CA GLY A 60 10.33 25.09 22.57
C GLY A 60 10.49 23.71 23.11
N ASP A 61 9.81 22.74 22.54
CA ASP A 61 10.01 21.43 23.04
C ASP A 61 10.38 20.49 21.90
N GLU A 62 11.06 19.41 22.26
CA GLU A 62 11.49 18.42 21.32
C GLU A 62 10.43 17.94 20.35
N SER A 63 9.26 17.60 20.87
CA SER A 63 8.21 17.08 20.02
C SER A 63 7.81 17.97 18.86
N THR A 64 7.81 19.28 19.07
CA THR A 64 7.46 20.26 18.01
C THR A 64 8.51 20.22 16.95
N ALA A 65 9.75 20.03 17.39
CA ALA A 65 10.86 20.01 16.47
C ALA A 65 11.21 18.67 15.82
N MET A 66 10.66 17.60 16.35
CA MET A 66 11.08 16.29 15.94
C MET A 66 10.98 15.97 14.42
N PRO A 67 9.91 16.39 13.78
CA PRO A 67 9.71 16.15 12.35
C PRO A 67 10.78 16.86 11.54
N ALA A 68 11.06 18.11 11.91
CA ALA A 68 12.07 18.87 11.22
C ALA A 68 13.44 18.22 11.51
N ALA A 69 13.63 17.78 12.75
CA ALA A 69 14.90 17.13 13.11
C ALA A 69 15.11 15.94 12.16
N CYS A 70 14.06 15.15 12.00
CA CYS A 70 14.08 13.99 11.15
C CYS A 70 14.27 14.43 9.70
N ALA A 71 13.63 15.56 9.35
CA ALA A 71 13.72 16.03 7.98
C ALA A 71 15.15 16.32 7.57
N VAL A 72 15.84 17.12 8.39
CA VAL A 72 17.23 17.44 8.04
C VAL A 72 18.12 16.19 7.95
N GLU A 73 17.87 15.20 8.80
CA GLU A 73 18.62 13.96 8.76
C GLU A 73 18.26 13.19 7.42
N MET A 74 17.01 13.29 6.96
CA MET A 74 16.58 12.66 5.69
C MET A 74 17.36 13.26 4.55
N ILE A 75 17.44 14.59 4.52
CA ILE A 75 18.19 15.30 3.48
C ILE A 75 19.69 14.82 3.50
N HIS A 76 20.28 14.90 4.67
CA HIS A 76 21.65 14.55 4.87
C HIS A 76 21.91 13.14 4.28
N THR A 77 21.02 12.19 4.68
CA THR A 77 21.08 10.83 4.29
C THR A 77 21.02 10.68 2.75
N MET A 78 20.03 11.35 2.13
CA MET A 78 19.95 11.25 0.71
C MET A 78 21.17 11.91 0.01
N SER A 79 21.75 12.97 0.60
CA SER A 79 22.90 13.57 -0.05
C SER A 79 24.08 12.60 -0.03
N LEU A 80 24.15 11.77 0.99
CA LEU A 80 25.25 10.81 1.02
C LEU A 80 24.95 9.66 0.08
N MET A 81 23.68 9.25 0.00
CA MET A 81 23.32 8.14 -0.89
C MET A 81 23.66 8.46 -2.37
N HIS A 82 23.39 9.72 -2.76
CA HIS A 82 23.64 10.20 -4.11
C HIS A 82 25.17 10.43 -4.24
N ASP A 83 25.77 10.87 -3.14
CA ASP A 83 27.18 11.12 -3.17
C ASP A 83 28.00 9.83 -3.38
N ASP A 84 27.64 8.70 -2.76
CA ASP A 84 28.43 7.51 -3.00
C ASP A 84 28.31 6.90 -4.43
N LEU A 85 27.31 7.29 -5.22
CA LEU A 85 27.10 6.78 -6.58
C LEU A 85 28.32 6.77 -7.51
N PRO A 86 28.37 5.86 -8.51
CA PRO A 86 29.54 5.84 -9.42
C PRO A 86 29.87 7.19 -10.14
N CYS A 87 28.86 7.99 -10.52
CA CYS A 87 29.13 9.28 -11.16
C CYS A 87 29.70 10.28 -10.18
N MET A 88 29.47 10.03 -8.89
CA MET A 88 29.98 10.91 -7.84
C MET A 88 31.26 10.28 -7.24
N ASP A 89 31.23 9.98 -5.94
CA ASP A 89 32.35 9.39 -5.23
C ASP A 89 32.67 7.97 -5.65
N ASN A 90 31.67 7.24 -6.11
CA ASN A 90 31.86 5.85 -6.50
C ASN A 90 32.51 5.01 -5.39
N ASP A 91 31.89 5.06 -4.21
CA ASP A 91 32.32 4.32 -3.01
C ASP A 91 31.63 2.95 -2.98
N ASP A 92 32.25 1.92 -2.43
CA ASP A 92 31.60 0.61 -2.37
C ASP A 92 31.22 0.31 -0.95
N LEU A 93 31.79 1.07 -0.02
CA LEU A 93 31.50 0.86 1.38
C LEU A 93 31.10 2.14 2.09
N ARG A 94 30.54 1.93 3.28
CA ARG A 94 30.10 3.00 4.19
C ARG A 94 29.71 2.33 5.47
N ARG A 95 30.54 2.50 6.50
CA ARG A 95 30.29 1.86 7.79
C ARG A 95 30.44 0.35 7.62
N GLY A 96 31.48 -0.06 6.90
CA GLY A 96 31.74 -1.47 6.68
C GLY A 96 30.59 -2.27 6.08
N LYS A 97 29.71 -1.58 5.36
CA LYS A 97 28.58 -2.20 4.67
C LYS A 97 28.51 -1.65 3.24
N PRO A 98 28.02 -2.47 2.31
CA PRO A 98 27.91 -2.02 0.91
C PRO A 98 27.17 -0.66 0.82
N THR A 99 27.65 0.21 -0.07
CA THR A 99 26.99 1.50 -0.24
C THR A 99 25.61 1.21 -0.84
N ASN A 100 24.69 2.17 -0.69
CA ASN A 100 23.31 1.97 -1.14
C ASN A 100 23.12 1.40 -2.53
N HIS A 101 23.70 2.00 -3.56
CA HIS A 101 23.56 1.43 -4.90
C HIS A 101 24.25 0.04 -5.08
N MET A 102 25.19 -0.33 -4.21
CA MET A 102 25.82 -1.62 -4.38
C MET A 102 24.77 -2.63 -3.96
N ALA A 103 23.95 -2.23 -3.00
CA ALA A 103 22.91 -3.14 -2.50
C ALA A 103 21.61 -3.25 -3.30
N PHE A 104 21.12 -2.15 -3.86
CA PHE A 104 19.80 -2.09 -4.58
C PHE A 104 19.87 -1.72 -6.06
N GLY A 105 21.07 -1.41 -6.52
CA GLY A 105 21.26 -1.01 -7.90
C GLY A 105 21.25 0.52 -7.91
N GLU A 106 21.88 1.15 -8.90
CA GLU A 106 21.93 2.59 -8.94
C GLU A 106 20.53 3.27 -9.07
N SER A 107 19.66 2.62 -9.86
CA SER A 107 18.33 3.18 -10.10
C SER A 107 17.52 3.39 -8.80
N VAL A 108 17.49 2.37 -7.98
CA VAL A 108 16.74 2.48 -6.76
C VAL A 108 17.39 3.52 -5.83
N ALA A 109 18.71 3.50 -5.75
CA ALA A 109 19.38 4.41 -4.90
C ALA A 109 19.09 5.86 -5.34
N VAL A 110 18.99 6.12 -6.65
CA VAL A 110 18.70 7.49 -7.03
C VAL A 110 17.30 7.82 -6.48
N LEU A 111 16.33 6.99 -6.86
CA LEU A 111 14.94 7.22 -6.49
C LEU A 111 14.62 7.24 -5.03
N ALA A 112 15.27 6.33 -4.31
CA ALA A 112 15.08 6.22 -2.89
C ALA A 112 15.57 7.55 -2.27
N GLY A 113 16.60 8.15 -2.93
CA GLY A 113 17.16 9.39 -2.41
C GLY A 113 16.20 10.53 -2.73
N ASP A 114 15.65 10.52 -3.94
CA ASP A 114 14.70 11.54 -4.31
C ASP A 114 13.48 11.43 -3.35
N ALA A 115 13.14 10.19 -2.92
CA ALA A 115 12.02 9.98 -2.02
C ALA A 115 12.31 10.56 -0.60
N LEU A 116 13.52 10.46 -0.10
CA LEU A 116 13.84 11.01 1.18
C LEU A 116 13.75 12.53 1.16
N LEU A 117 14.10 13.12 0.03
CA LEU A 117 14.14 14.60 -0.19
C LEU A 117 12.70 15.14 -0.19
N SER A 118 11.90 14.43 -0.94
CA SER A 118 10.52 14.72 -1.04
C SER A 118 9.78 14.54 0.33
N PHE A 119 10.04 13.40 0.99
CA PHE A 119 9.37 13.10 2.20
C PHE A 119 9.69 14.00 3.38
N ALA A 120 10.88 14.59 3.32
CA ALA A 120 11.38 15.51 4.28
C ALA A 120 10.45 16.73 4.29
N PHE A 121 10.06 17.20 3.12
CA PHE A 121 9.22 18.38 3.13
C PHE A 121 7.85 17.94 3.58
N GLU A 122 7.46 16.75 3.13
CA GLU A 122 6.16 16.25 3.50
C GLU A 122 6.01 16.08 4.99
N HIS A 123 6.99 15.43 5.61
CA HIS A 123 6.89 15.13 7.03
C HIS A 123 6.80 16.39 7.93
N VAL A 124 7.68 17.35 7.70
CA VAL A 124 7.69 18.61 8.42
C VAL A 124 6.33 19.29 8.27
N ALA A 125 5.92 19.40 7.02
CA ALA A 125 4.65 19.98 6.58
C ALA A 125 3.43 19.41 7.22
N ALA A 126 3.31 18.07 7.20
CA ALA A 126 2.12 17.40 7.75
C ALA A 126 2.19 16.97 9.23
N ALA A 127 3.37 16.53 9.69
CA ALA A 127 3.48 16.08 11.08
C ALA A 127 3.77 17.17 12.13
N THR A 128 4.28 18.32 11.73
CA THR A 128 4.54 19.35 12.76
C THR A 128 3.26 19.85 13.50
N LYS A 129 3.20 19.64 14.82
CA LYS A 129 2.08 20.10 15.65
C LYS A 129 2.60 21.16 16.65
N GLY A 130 1.73 22.09 17.05
CA GLY A 130 2.18 23.08 18.02
C GLY A 130 3.03 24.19 17.45
N ALA A 131 2.59 24.68 16.28
CA ALA A 131 3.24 25.79 15.60
C ALA A 131 2.25 26.19 14.55
N PRO A 132 2.06 27.50 14.37
CA PRO A 132 1.11 27.97 13.36
C PRO A 132 1.60 27.77 11.91
N PRO A 133 0.64 27.64 10.98
CA PRO A 133 0.87 27.42 9.54
C PRO A 133 1.89 28.32 8.88
N GLU A 134 1.86 29.61 9.21
CA GLU A 134 2.83 30.53 8.60
C GLU A 134 4.23 30.23 9.11
N ARG A 135 4.30 29.66 10.30
CA ARG A 135 5.55 29.30 10.86
C ARG A 135 6.06 27.99 10.21
N ILE A 136 5.20 27.00 10.01
CA ILE A 136 5.64 25.78 9.33
C ILE A 136 6.11 26.08 7.89
N VAL A 137 5.33 26.90 7.19
CA VAL A 137 5.68 27.27 5.82
C VAL A 137 7.02 27.97 5.80
N ARG A 138 7.20 28.88 6.76
CA ARG A 138 8.46 29.59 6.79
C ARG A 138 9.63 28.62 7.00
N VAL A 139 9.52 27.60 7.86
CA VAL A 139 10.66 26.68 8.03
C VAL A 139 10.75 25.76 6.79
N LEU A 140 9.65 25.52 6.09
CA LEU A 140 9.77 24.74 4.85
C LEU A 140 10.60 25.57 3.88
N GLY A 141 10.43 26.91 3.93
CA GLY A 141 11.18 27.82 3.09
C GLY A 141 12.67 27.78 3.45
N GLU A 142 12.97 27.91 4.74
CA GLU A 142 14.38 27.81 5.19
C GLU A 142 15.07 26.50 4.76
N LEU A 143 14.37 25.38 4.93
CA LEU A 143 14.88 24.06 4.60
C LEU A 143 15.23 24.02 3.12
N ALA A 144 14.34 24.63 2.34
CA ALA A 144 14.51 24.62 0.90
C ALA A 144 15.76 25.42 0.53
N VAL A 145 15.92 26.63 1.06
CA VAL A 145 17.08 27.42 0.72
C VAL A 145 18.40 26.77 1.15
N SER A 146 18.40 26.07 2.30
CA SER A 146 19.61 25.47 2.79
C SER A 146 20.08 24.25 2.02
N ILE A 147 19.25 23.75 1.13
CA ILE A 147 19.70 22.57 0.43
C ILE A 147 19.75 22.71 -1.05
N GLY A 148 19.34 23.86 -1.55
CA GLY A 148 19.29 24.04 -2.99
C GLY A 148 20.49 24.68 -3.62
N SER A 149 20.21 25.52 -4.59
CA SER A 149 21.23 26.23 -5.36
C SER A 149 22.00 27.31 -4.61
N GLU A 150 21.61 27.55 -3.35
CA GLU A 150 22.33 28.50 -2.51
C GLU A 150 22.64 27.79 -1.18
N GLY A 151 22.88 26.49 -1.30
CA GLY A 151 23.14 25.69 -0.13
C GLY A 151 23.72 24.31 -0.44
N LEU A 152 23.26 23.26 0.25
CA LEU A 152 23.79 21.93 0.02
C LEU A 152 24.22 21.63 -1.45
N VAL A 153 23.28 21.65 -2.39
CA VAL A 153 23.57 21.37 -3.77
C VAL A 153 24.62 22.32 -4.41
N ALA A 154 24.51 23.63 -4.22
CA ALA A 154 25.53 24.55 -4.73
C ALA A 154 26.91 24.02 -4.30
N GLY A 155 27.00 23.63 -3.03
CA GLY A 155 28.25 23.12 -2.48
C GLY A 155 28.75 21.89 -3.23
N GLN A 156 27.83 20.95 -3.50
CA GLN A 156 28.20 19.74 -4.20
C GLN A 156 28.60 19.95 -5.68
N VAL A 157 27.86 20.77 -6.40
CA VAL A 157 28.18 21.08 -7.82
C VAL A 157 29.58 21.70 -7.96
N VAL A 158 29.78 22.83 -7.27
CA VAL A 158 31.04 23.60 -7.24
C VAL A 158 32.24 22.74 -6.88
N ASP A 159 32.02 21.72 -6.09
CA ASP A 159 33.04 20.80 -5.63
C ASP A 159 33.36 19.78 -6.70
N VAL A 160 32.37 19.34 -7.46
CA VAL A 160 32.63 18.34 -8.50
C VAL A 160 33.21 19.01 -9.74
N CYS A 161 32.92 20.30 -9.89
CA CYS A 161 33.38 21.10 -11.03
C CYS A 161 34.72 21.81 -10.69
N SER A 162 35.35 21.34 -9.61
CA SER A 162 36.62 21.87 -9.12
C SER A 162 37.69 20.80 -8.76
N GLU A 163 37.31 19.53 -8.71
CA GLU A 163 38.25 18.44 -8.42
C GLU A 163 39.20 18.18 -9.62
N GLY A 164 39.17 19.10 -10.60
CA GLY A 164 40.02 18.95 -11.78
C GLY A 164 40.98 20.12 -11.98
N MET A 165 41.05 21.00 -10.99
CA MET A 165 41.94 22.17 -11.03
C MET A 165 42.71 22.32 -9.71
N ALA A 166 43.61 23.30 -9.65
CA ALA A 166 44.42 23.55 -8.45
C ALA A 166 44.30 24.98 -7.90
N GLU A 167 44.10 25.95 -8.80
CA GLU A 167 43.98 27.36 -8.39
C GLU A 167 42.78 27.58 -7.46
N VAL A 168 42.69 26.73 -6.42
CA VAL A 168 41.61 26.79 -5.44
C VAL A 168 42.05 27.70 -4.27
N GLY A 169 41.59 28.95 -4.27
CA GLY A 169 41.94 29.91 -3.23
C GLY A 169 41.16 29.72 -1.94
N LEU A 170 41.36 30.59 -0.98
CA LEU A 170 40.69 30.45 0.30
C LEU A 170 39.19 30.66 0.16
N ASP A 171 38.87 31.55 -0.75
CA ASP A 171 37.52 31.96 -1.04
C ASP A 171 36.68 30.84 -1.65
N HIS A 172 37.27 30.13 -2.61
CA HIS A 172 36.63 29.02 -3.28
C HIS A 172 36.40 27.86 -2.25
N LEU A 173 37.46 27.50 -1.52
CA LEU A 173 37.39 26.46 -0.52
C LEU A 173 36.35 26.80 0.54
N GLU A 174 36.19 28.08 0.89
CA GLU A 174 35.18 28.42 1.90
C GLU A 174 33.75 28.27 1.38
N PHE A 175 33.56 28.54 0.08
CA PHE A 175 32.26 28.42 -0.57
C PHE A 175 31.81 26.95 -0.46
N ILE A 176 32.74 26.07 -0.86
CA ILE A 176 32.46 24.66 -0.80
C ILE A 176 32.06 24.30 0.62
N HIS A 177 32.86 24.64 1.62
CA HIS A 177 32.46 24.27 2.99
C HIS A 177 31.25 25.04 3.49
N HIS A 178 31.18 26.33 3.22
CA HIS A 178 29.99 26.98 3.70
C HIS A 178 28.76 26.28 3.16
N HIS A 179 28.84 25.81 1.91
CA HIS A 179 27.68 25.21 1.25
C HIS A 179 27.44 23.71 1.41
N LYS A 180 28.51 22.94 1.37
CA LYS A 180 28.44 21.49 1.45
C LYS A 180 28.32 21.01 2.88
N THR A 181 28.48 21.92 3.85
CA THR A 181 28.43 21.54 5.24
C THR A 181 27.61 22.42 6.17
N ALA A 182 27.97 23.70 6.20
CA ALA A 182 27.37 24.66 7.10
C ALA A 182 25.91 24.90 6.77
N ALA A 183 25.67 25.03 5.47
CA ALA A 183 24.31 25.25 4.97
C ALA A 183 23.26 24.36 5.71
N LEU A 184 23.40 23.05 5.60
CA LEU A 184 22.41 22.21 6.26
C LEU A 184 22.44 22.33 7.81
N LEU A 185 23.60 22.58 8.44
CA LEU A 185 23.61 22.79 9.91
C LEU A 185 22.82 24.11 10.26
N GLN A 186 22.92 25.14 9.42
CA GLN A 186 22.22 26.38 9.65
C GLN A 186 20.73 26.09 9.46
N GLY A 187 20.43 25.20 8.49
CA GLY A 187 19.05 24.81 8.27
C GLY A 187 18.49 24.27 9.56
N SER A 188 19.18 23.25 10.07
CA SER A 188 18.80 22.57 11.30
C SER A 188 18.56 23.54 12.46
N VAL A 189 19.54 24.38 12.81
CA VAL A 189 19.30 25.29 13.93
C VAL A 189 18.19 26.32 13.67
N VAL A 190 18.01 26.74 12.41
CA VAL A 190 17.00 27.76 12.13
C VAL A 190 15.60 27.17 12.24
N LEU A 191 15.48 25.92 11.77
CA LEU A 191 14.21 25.24 11.84
C LEU A 191 13.81 25.13 13.28
N GLY A 192 14.71 24.62 14.12
CA GLY A 192 14.40 24.47 15.53
C GLY A 192 14.01 25.83 16.15
N ALA A 193 14.91 26.81 16.02
CA ALA A 193 14.76 28.14 16.54
C ALA A 193 13.41 28.79 16.14
N ILE A 194 13.00 28.68 14.88
CA ILE A 194 11.71 29.23 14.48
C ILE A 194 10.54 28.49 15.12
N LEU A 195 10.60 27.16 15.10
CA LEU A 195 9.50 26.38 15.65
C LEU A 195 9.45 26.59 17.14
N GLY A 196 10.58 26.82 17.75
CA GLY A 196 10.56 27.04 19.17
C GLY A 196 9.85 28.35 19.54
N GLY A 197 9.76 29.30 18.61
CA GLY A 197 9.09 30.53 18.92
C GLY A 197 10.11 31.61 19.09
N GLY A 198 11.30 31.43 18.53
CA GLY A 198 12.36 32.42 18.69
C GLY A 198 12.21 33.72 17.93
N LYS A 199 12.78 34.79 18.47
CA LYS A 199 12.66 36.08 17.79
C LYS A 199 13.66 36.04 16.63
N GLU A 200 13.55 37.04 15.76
CA GLU A 200 14.45 37.17 14.63
C GLU A 200 15.88 37.39 15.15
N GLU A 201 16.04 38.19 16.18
CA GLU A 201 17.34 38.45 16.78
C GLU A 201 18.05 37.15 17.27
N GLU A 202 17.27 36.21 17.83
CA GLU A 202 17.73 34.91 18.30
C GLU A 202 18.00 33.97 17.10
N VAL A 203 17.08 33.93 16.14
CA VAL A 203 17.28 33.12 14.92
C VAL A 203 18.60 33.57 14.23
N ALA A 204 18.82 34.89 14.09
CA ALA A 204 20.05 35.37 13.47
C ALA A 204 21.32 34.95 14.25
N LYS A 205 21.27 35.00 15.59
CA LYS A 205 22.41 34.57 16.38
C LYS A 205 22.72 33.10 16.03
N LEU A 206 21.70 32.26 16.16
CA LEU A 206 21.83 30.84 15.89
C LEU A 206 22.29 30.58 14.47
N ARG A 207 21.96 31.52 13.61
CA ARG A 207 22.33 31.40 12.23
C ARG A 207 23.84 31.54 12.12
N LYS A 208 24.43 32.51 12.84
CA LYS A 208 25.90 32.70 12.80
C LYS A 208 26.65 31.54 13.50
N PHE A 209 26.10 31.12 14.64
CA PHE A 209 26.63 30.00 15.45
C PHE A 209 26.84 28.79 14.53
N ALA A 210 25.81 28.48 13.73
CA ALA A 210 25.86 27.31 12.85
C ALA A 210 26.89 27.47 11.77
N ASN A 211 26.88 28.65 11.15
CA ASN A 211 27.82 28.97 10.11
C ASN A 211 29.26 28.86 10.70
N CYS A 212 29.48 29.31 11.93
CA CYS A 212 30.82 29.17 12.51
C CYS A 212 31.15 27.71 12.76
N ILE A 213 30.24 26.93 13.39
CA ILE A 213 30.59 25.55 13.67
C ILE A 213 30.73 24.71 12.43
N GLY A 214 30.06 25.09 11.36
CA GLY A 214 30.21 24.27 10.18
C GLY A 214 31.57 24.51 9.53
N LEU A 215 32.01 25.75 9.54
CA LEU A 215 33.28 26.03 8.97
C LEU A 215 34.30 25.45 9.96
N LEU A 216 34.09 25.67 11.26
CA LEU A 216 34.98 25.03 12.26
C LEU A 216 35.20 23.51 12.01
N PHE A 217 34.17 22.77 11.56
CA PHE A 217 34.38 21.33 11.35
C PHE A 217 35.41 21.01 10.28
N GLN A 218 35.23 21.61 9.11
CA GLN A 218 36.15 21.40 8.00
C GLN A 218 37.59 21.84 8.31
N VAL A 219 37.72 22.92 9.06
CA VAL A 219 39.03 23.42 9.41
C VAL A 219 39.72 22.42 10.36
N VAL A 220 39.00 21.94 11.36
CA VAL A 220 39.66 21.04 12.27
C VAL A 220 39.94 19.70 11.62
N ASP A 221 39.17 19.34 10.62
CA ASP A 221 39.38 18.09 9.92
C ASP A 221 40.69 18.23 9.17
N ASP A 222 40.96 19.42 8.64
CA ASP A 222 42.19 19.61 7.89
C ASP A 222 43.40 19.58 8.81
N ILE A 223 43.28 20.28 9.93
CA ILE A 223 44.35 20.29 10.86
C ILE A 223 44.71 18.86 11.19
N LEU A 224 43.72 18.13 11.72
CA LEU A 224 43.91 16.74 12.06
C LEU A 224 44.54 15.92 10.95
N ASP A 225 44.15 16.10 9.67
CA ASP A 225 44.77 15.27 8.61
C ASP A 225 46.27 15.46 8.56
N VAL A 226 46.70 16.70 8.62
CA VAL A 226 48.12 16.96 8.57
C VAL A 226 48.79 16.28 9.74
N THR A 227 48.25 16.47 10.94
CA THR A 227 48.76 15.86 12.17
C THR A 227 48.98 14.35 12.04
N LYS A 228 47.93 13.58 12.29
CA LYS A 228 47.99 12.13 12.24
C LYS A 228 47.22 11.50 11.06
N LYS A 245 43.92 19.06 -4.35
CA LYS A 245 43.57 18.68 -2.95
C LYS A 245 43.85 19.84 -1.96
N THR A 246 43.31 21.01 -2.25
CA THR A 246 43.47 22.22 -1.42
C THR A 246 42.89 22.05 0.00
N THR A 247 43.65 22.41 1.02
CA THR A 247 43.22 22.28 2.42
C THR A 247 43.50 23.60 3.15
N TYR A 248 43.05 23.78 4.38
CA TYR A 248 43.40 25.04 5.02
C TYR A 248 44.91 25.11 5.32
N PRO A 249 45.53 23.98 5.73
CA PRO A 249 46.97 24.03 5.99
C PRO A 249 47.80 24.35 4.73
N LYS A 250 47.31 23.98 3.56
CA LYS A 250 48.08 24.29 2.37
C LYS A 250 47.90 25.75 2.01
N LEU A 251 46.78 26.30 2.43
CA LEU A 251 46.53 27.68 2.07
C LEU A 251 47.04 28.67 3.09
N ILE A 252 47.08 28.30 4.35
CA ILE A 252 47.51 29.26 5.35
C ILE A 252 48.30 28.61 6.46
N GLY A 253 48.68 27.34 6.23
CA GLY A 253 49.42 26.58 7.22
C GLY A 253 48.62 26.18 8.46
N VAL A 254 49.12 25.15 9.13
CA VAL A 254 48.47 24.64 10.34
C VAL A 254 48.31 25.68 11.50
N GLU A 255 49.34 26.48 11.71
CA GLU A 255 49.33 27.47 12.78
C GLU A 255 48.12 28.40 12.61
N LYS A 256 48.02 29.03 11.44
CA LYS A 256 46.92 29.94 11.23
C LYS A 256 45.58 29.17 11.19
N SER A 257 45.56 27.93 10.71
CA SER A 257 44.31 27.18 10.68
C SER A 257 43.77 27.01 12.11
N LYS A 258 44.66 26.63 13.03
CA LYS A 258 44.31 26.47 14.44
C LYS A 258 43.78 27.82 15.02
N GLU A 259 44.41 28.90 14.59
CA GLU A 259 43.99 30.22 15.04
C GLU A 259 42.59 30.51 14.41
N PHE A 260 42.40 30.17 13.15
CA PHE A 260 41.10 30.36 12.56
C PHE A 260 40.09 29.52 13.41
N ALA A 261 40.38 28.25 13.63
CA ALA A 261 39.50 27.39 14.40
C ALA A 261 39.18 27.97 15.81
N ASP A 262 40.17 28.45 16.57
CA ASP A 262 39.84 29.02 17.89
C ASP A 262 38.93 30.20 17.69
N ARG A 263 39.19 31.01 16.68
CA ARG A 263 38.34 32.17 16.46
C ARG A 263 36.89 31.76 16.14
N LEU A 264 36.72 30.73 15.29
CA LEU A 264 35.40 30.23 14.87
C LEU A 264 34.63 29.80 16.12
N ASN A 265 35.30 28.98 16.93
CA ASN A 265 34.73 28.49 18.17
C ASN A 265 34.38 29.64 19.17
N ARG A 266 35.29 30.59 19.29
CA ARG A 266 35.09 31.74 20.16
C ARG A 266 33.84 32.51 19.66
N GLU A 267 33.72 32.66 18.34
CA GLU A 267 32.61 33.43 17.80
C GLU A 267 31.24 32.74 17.88
N ALA A 268 31.25 31.43 17.75
CA ALA A 268 30.07 30.62 17.88
C ALA A 268 29.51 30.83 19.29
N GLN A 269 30.34 30.64 20.30
CA GLN A 269 29.92 30.80 21.68
C GLN A 269 29.44 32.18 22.01
N GLU A 270 30.07 33.20 21.44
CA GLU A 270 29.64 34.57 21.66
C GLU A 270 28.15 34.72 21.36
N GLN A 271 27.73 34.06 20.29
CA GLN A 271 26.34 34.11 19.86
C GLN A 271 25.37 33.59 20.90
N LEU A 272 25.82 32.67 21.76
CA LEU A 272 24.93 32.04 22.73
C LEU A 272 24.87 32.70 24.10
N LEU A 273 25.64 33.75 24.26
CA LEU A 273 25.75 34.48 25.54
C LEU A 273 24.49 35.00 26.16
N HIS A 274 23.52 35.41 25.36
CA HIS A 274 22.34 35.95 26.02
C HIS A 274 21.24 34.94 26.38
N PHE A 275 21.30 33.72 25.83
CA PHE A 275 20.30 32.71 26.18
C PHE A 275 20.55 32.18 27.58
N HIS A 276 19.63 31.40 28.14
CA HIS A 276 19.88 30.83 29.45
C HIS A 276 21.06 29.87 29.23
N PRO A 277 22.01 29.91 30.18
CA PRO A 277 23.23 29.10 30.19
C PRO A 277 22.98 27.61 30.20
N HIS A 278 21.93 27.18 30.88
CA HIS A 278 21.70 25.76 30.92
C HIS A 278 21.18 25.25 29.57
N ARG A 279 20.35 26.08 28.94
CA ARG A 279 19.83 25.68 27.66
C ARG A 279 20.89 25.82 26.60
N ALA A 280 21.86 26.70 26.81
CA ALA A 280 22.90 26.89 25.82
C ALA A 280 24.01 25.86 25.96
N ALA A 281 24.18 25.38 27.19
CA ALA A 281 25.26 24.46 27.51
C ALA A 281 25.56 23.32 26.46
N PRO A 282 24.54 22.65 25.92
CA PRO A 282 24.68 21.56 24.91
C PRO A 282 25.41 22.04 23.65
N LEU A 283 24.90 23.13 23.08
CA LEU A 283 25.44 23.75 21.90
C LEU A 283 26.92 24.20 22.10
N ILE A 284 27.21 24.90 23.19
CA ILE A 284 28.55 25.32 23.57
C ILE A 284 29.47 24.07 23.63
N ALA A 285 28.98 22.98 24.25
CA ALA A 285 29.86 21.81 24.41
C ALA A 285 30.08 21.16 23.03
N LEU A 286 29.04 21.22 22.22
CA LEU A 286 29.14 20.69 20.90
C LEU A 286 30.23 21.47 20.18
N ALA A 287 30.27 22.78 20.36
CA ALA A 287 31.27 23.64 19.69
C ALA A 287 32.68 23.26 20.13
N ASN A 288 32.87 23.09 21.44
CA ASN A 288 34.19 22.70 21.96
C ASN A 288 34.58 21.31 21.47
N TYR A 289 33.59 20.43 21.38
CA TYR A 289 33.89 19.08 20.96
C TYR A 289 34.38 19.15 19.51
N ILE A 290 33.74 19.99 18.71
CA ILE A 290 34.17 20.10 17.31
C ILE A 290 35.59 20.69 17.27
N ALA A 291 35.86 21.73 18.06
CA ALA A 291 37.18 22.35 18.06
C ALA A 291 38.33 21.47 18.59
N TYR A 292 38.08 20.62 19.58
CA TYR A 292 39.18 19.84 20.13
C TYR A 292 39.18 18.31 19.95
N ARG A 293 38.31 17.76 19.10
CA ARG A 293 38.34 16.31 18.95
C ARG A 293 39.71 15.86 18.41
N ASP A 294 40.18 14.70 18.87
CA ASP A 294 41.47 14.12 18.45
C ASP A 294 41.40 13.38 17.08
N ASN A 295 40.17 13.05 16.65
CA ASN A 295 39.89 12.37 15.38
C ASN A 295 38.70 13.00 14.60
N MET B 1 -10.10 24.11 -28.45
CA MET B 1 -9.45 25.31 -27.81
C MET B 1 -7.91 25.15 -27.83
N GLN B 2 -7.19 26.21 -28.19
CA GLN B 2 -5.71 26.17 -28.25
C GLN B 2 -5.05 27.43 -27.64
N PRO B 3 -5.62 28.62 -27.87
CA PRO B 3 -4.99 29.82 -27.31
C PRO B 3 -4.96 29.89 -25.75
N TYR B 4 -6.08 29.62 -25.09
CA TYR B 4 -6.12 29.65 -23.63
C TYR B 4 -5.04 28.73 -23.03
N TRP B 5 -4.95 27.52 -23.56
CA TRP B 5 -3.98 26.58 -23.01
C TRP B 5 -2.58 27.10 -23.26
N ALA B 6 -2.35 27.63 -24.45
CA ALA B 6 -1.06 28.17 -24.85
C ALA B 6 -0.57 29.33 -23.94
N ALA B 7 -1.42 30.31 -23.67
CA ALA B 7 -1.06 31.45 -22.80
C ALA B 7 -0.71 30.97 -21.38
N ILE B 8 -1.23 29.80 -21.01
CA ILE B 8 -0.98 29.22 -19.69
C ILE B 8 0.45 28.68 -19.68
N GLU B 9 0.83 27.94 -20.69
CA GLU B 9 2.17 27.47 -20.68
C GLU B 9 3.12 28.68 -20.70
N ALA B 10 2.79 29.69 -21.49
CA ALA B 10 3.63 30.86 -21.57
C ALA B 10 3.77 31.56 -20.19
N ASP B 11 2.63 31.76 -19.52
CA ASP B 11 2.65 32.45 -18.22
C ASP B 11 3.54 31.70 -17.24
N ILE B 12 3.46 30.38 -17.27
CA ILE B 12 4.30 29.58 -16.38
C ILE B 12 5.76 29.65 -16.82
N GLU B 13 6.00 29.65 -18.11
CA GLU B 13 7.38 29.73 -18.54
C GLU B 13 8.01 31.07 -18.20
N ARG B 14 7.29 32.15 -18.45
CA ARG B 14 7.79 33.48 -18.14
C ARG B 14 8.02 33.60 -16.61
N TYR B 15 7.23 32.88 -15.84
CA TYR B 15 7.42 32.95 -14.38
C TYR B 15 8.64 32.14 -13.93
N LEU B 16 8.85 30.99 -14.52
CA LEU B 16 10.01 30.21 -14.17
C LEU B 16 11.27 31.02 -14.45
N LYS B 17 11.31 31.57 -15.67
CA LYS B 17 12.45 32.38 -16.14
C LYS B 17 12.70 33.59 -15.31
N LYS B 18 11.65 34.21 -14.80
CA LYS B 18 11.83 35.36 -13.94
C LYS B 18 12.36 34.84 -12.61
N SER B 19 12.08 33.60 -12.27
CA SER B 19 12.55 33.05 -11.00
C SER B 19 13.94 32.35 -10.97
N ILE B 20 14.39 31.81 -12.12
CA ILE B 20 15.68 31.13 -12.22
C ILE B 20 16.63 31.93 -13.12
N THR B 21 17.46 32.76 -12.49
CA THR B 21 18.44 33.62 -13.17
C THR B 21 19.86 33.03 -13.23
N ILE B 22 20.40 32.85 -14.45
CA ILE B 22 21.76 32.31 -14.56
C ILE B 22 22.61 33.39 -13.92
N ARG B 23 23.40 33.03 -12.90
CA ARG B 23 24.23 34.03 -12.24
C ARG B 23 25.34 33.29 -11.50
N PRO B 24 26.19 34.02 -10.78
CA PRO B 24 27.29 33.40 -10.02
C PRO B 24 26.76 32.50 -8.87
N PRO B 25 27.20 31.23 -8.83
CA PRO B 25 28.12 30.59 -9.78
C PRO B 25 27.41 29.91 -10.97
N GLU B 26 27.84 30.26 -12.17
CA GLU B 26 27.28 29.71 -13.38
C GLU B 26 27.34 28.17 -13.39
N THR B 27 28.32 27.56 -12.74
CA THR B 27 28.36 26.10 -12.79
C THR B 27 27.13 25.46 -12.16
N VAL B 28 26.54 26.19 -11.19
CA VAL B 28 25.28 25.78 -10.50
C VAL B 28 24.03 26.24 -11.33
N PHE B 29 23.86 27.55 -11.46
CA PHE B 29 22.73 28.06 -12.18
C PHE B 29 22.66 27.80 -13.67
N GLY B 30 23.81 27.63 -14.32
CA GLY B 30 23.82 27.30 -15.75
C GLY B 30 22.98 26.05 -16.01
N PRO B 31 23.30 24.90 -15.38
CA PRO B 31 22.53 23.65 -15.56
C PRO B 31 21.16 23.66 -14.85
N MET B 32 21.05 24.37 -13.73
CA MET B 32 19.71 24.42 -13.10
C MET B 32 18.69 24.94 -14.13
N HIS B 33 19.05 26.06 -14.74
CA HIS B 33 18.19 26.70 -15.73
C HIS B 33 18.06 25.81 -17.01
N HIS B 34 19.17 25.32 -17.54
CA HIS B 34 19.07 24.51 -18.74
C HIS B 34 18.12 23.31 -18.58
N LEU B 35 18.23 22.65 -17.44
CA LEU B 35 17.45 21.45 -17.17
C LEU B 35 15.98 21.79 -16.76
N THR B 36 15.76 22.94 -16.15
CA THR B 36 14.39 23.30 -15.82
C THR B 36 13.62 23.39 -17.13
N PHE B 37 14.26 23.90 -18.19
CA PHE B 37 13.54 24.09 -19.46
C PHE B 37 13.73 23.05 -20.57
N ALA B 38 14.70 22.16 -20.43
CA ALA B 38 14.93 21.10 -21.40
C ALA B 38 13.90 20.01 -21.17
N ALA B 39 13.29 20.06 -20.00
CA ALA B 39 12.28 19.10 -19.61
C ALA B 39 10.93 19.53 -20.21
N PRO B 40 10.22 18.57 -20.85
CA PRO B 40 8.91 18.83 -21.47
C PRO B 40 7.97 19.43 -20.46
N ALA B 41 7.02 20.21 -20.92
CA ALA B 41 6.08 20.79 -19.98
C ALA B 41 5.17 19.62 -19.54
N THR B 42 4.51 19.72 -18.40
CA THR B 42 3.61 18.66 -18.02
C THR B 42 2.28 19.37 -17.80
N ALA B 43 1.21 18.72 -18.28
CA ALA B 43 -0.14 19.24 -18.16
C ALA B 43 -0.55 19.42 -16.71
N ALA B 44 0.17 18.77 -15.81
CA ALA B 44 -0.14 18.81 -14.38
C ALA B 44 -0.06 20.26 -13.88
N SER B 45 0.95 20.96 -14.38
CA SER B 45 1.22 22.37 -14.11
C SER B 45 0.11 23.21 -14.81
N THR B 46 -0.26 22.84 -16.03
CA THR B 46 -1.32 23.56 -16.74
C THR B 46 -2.69 23.44 -15.98
N LEU B 47 -3.02 22.20 -15.68
CA LEU B 47 -4.20 21.86 -15.02
C LEU B 47 -4.26 22.61 -13.66
N CYS B 48 -3.13 22.84 -13.02
CA CYS B 48 -3.17 23.56 -11.74
C CYS B 48 -3.73 24.98 -11.91
N LEU B 49 -3.18 25.72 -12.88
CA LEU B 49 -3.67 27.07 -13.16
C LEU B 49 -5.12 27.12 -13.66
N ALA B 50 -5.45 26.22 -14.59
CA ALA B 50 -6.81 26.22 -15.15
C ALA B 50 -7.87 25.94 -14.07
N ALA B 51 -7.52 25.11 -13.11
CA ALA B 51 -8.41 24.76 -12.03
C ALA B 51 -8.61 25.91 -11.00
N CYS B 52 -7.58 26.73 -10.86
CA CYS B 52 -7.69 27.85 -9.92
C CYS B 52 -8.71 28.89 -10.50
N GLU B 53 -8.61 29.10 -11.80
CA GLU B 53 -9.48 30.02 -12.49
C GLU B 53 -10.86 29.42 -12.53
N LEU B 54 -10.91 28.13 -12.80
CA LEU B 54 -12.19 27.47 -12.87
C LEU B 54 -13.01 27.75 -11.64
N VAL B 55 -12.38 27.76 -10.48
CA VAL B 55 -13.13 27.98 -9.24
C VAL B 55 -13.26 29.43 -8.85
N GLY B 56 -12.73 30.37 -9.63
CA GLY B 56 -12.93 31.76 -9.25
C GLY B 56 -11.70 32.60 -8.90
N GLY B 57 -10.60 31.91 -8.50
CA GLY B 57 -9.35 32.56 -8.18
C GLY B 57 -8.56 33.15 -9.35
N ASP B 58 -7.62 34.01 -8.98
CA ASP B 58 -6.76 34.66 -9.96
C ASP B 58 -5.59 33.75 -10.30
N ARG B 59 -5.21 33.72 -11.57
CA ARG B 59 -4.14 32.86 -12.05
C ARG B 59 -2.82 32.96 -11.21
N SER B 60 -2.47 34.18 -10.79
CA SER B 60 -1.28 34.32 -9.99
C SER B 60 -1.30 33.57 -8.68
N GLN B 61 -2.49 33.39 -8.10
CA GLN B 61 -2.59 32.70 -6.81
C GLN B 61 -2.12 31.24 -6.88
N ALA B 62 -1.95 30.72 -8.09
CA ALA B 62 -1.56 29.34 -8.26
C ALA B 62 -0.28 29.23 -8.99
N MET B 63 0.28 30.37 -9.36
CA MET B 63 1.48 30.34 -10.15
C MET B 63 2.67 29.66 -9.43
N ALA B 64 2.85 29.90 -8.15
CA ALA B 64 4.00 29.23 -7.53
C ALA B 64 3.85 27.72 -7.51
N ALA B 65 2.62 27.23 -7.25
CA ALA B 65 2.33 25.80 -7.18
C ALA B 65 2.57 25.20 -8.57
N ALA B 66 2.09 25.87 -9.60
CA ALA B 66 2.32 25.31 -10.91
C ALA B 66 3.82 25.27 -11.23
N ALA B 67 4.58 26.34 -10.92
CA ALA B 67 6.03 26.24 -11.17
C ALA B 67 6.62 25.04 -10.39
N ALA B 68 6.23 24.89 -9.11
CA ALA B 68 6.70 23.77 -8.27
C ALA B 68 6.43 22.39 -8.93
N ILE B 69 5.21 22.25 -9.44
CA ILE B 69 4.87 20.98 -10.09
C ILE B 69 5.83 20.75 -11.32
N HIS B 70 6.12 21.83 -12.04
CA HIS B 70 6.97 21.67 -13.20
C HIS B 70 8.36 21.26 -12.74
N LEU B 71 8.88 21.98 -11.77
CA LEU B 71 10.19 21.65 -11.21
C LEU B 71 10.30 20.18 -10.67
N VAL B 72 9.31 19.69 -9.93
CA VAL B 72 9.35 18.31 -9.44
C VAL B 72 9.36 17.37 -10.64
N HIS B 73 8.47 17.63 -11.59
CA HIS B 73 8.40 16.84 -12.82
C HIS B 73 9.76 16.92 -13.53
N ALA B 74 10.27 18.13 -13.67
CA ALA B 74 11.55 18.35 -14.33
C ALA B 74 12.67 17.61 -13.63
N ALA B 75 12.66 17.69 -12.31
CA ALA B 75 13.71 16.98 -11.61
C ALA B 75 13.63 15.49 -11.90
N ALA B 76 12.40 14.94 -11.87
CA ALA B 76 12.20 13.48 -12.08
C ALA B 76 12.60 13.05 -13.51
N TYR B 77 12.28 13.92 -14.47
CA TYR B 77 12.58 13.68 -15.88
C TYR B 77 14.09 13.56 -16.02
N VAL B 78 14.80 14.49 -15.39
CA VAL B 78 16.27 14.47 -15.46
C VAL B 78 16.79 13.18 -14.83
N HIS B 79 16.32 12.85 -13.63
CA HIS B 79 16.79 11.66 -12.95
C HIS B 79 16.44 10.36 -13.66
N GLU B 80 15.29 10.32 -14.31
CA GLU B 80 14.95 9.11 -15.02
C GLU B 80 15.79 8.80 -16.27
N HIS B 81 16.48 9.79 -16.79
CA HIS B 81 17.28 9.58 -17.99
C HIS B 81 18.78 9.60 -17.78
N LEU B 82 19.16 9.50 -16.51
CA LEU B 82 20.53 9.45 -16.09
C LEU B 82 21.23 8.22 -16.64
N PRO B 83 22.43 8.39 -17.19
CA PRO B 83 23.15 7.22 -17.70
C PRO B 83 23.67 6.47 -16.47
N LEU B 84 23.02 5.38 -16.11
CA LEU B 84 23.49 4.63 -14.96
C LEU B 84 24.62 3.69 -15.49
N THR B 85 25.48 3.21 -14.59
CA THR B 85 26.60 2.40 -15.05
C THR B 85 26.52 0.96 -14.64
N ASP B 86 25.36 0.48 -14.22
CA ASP B 86 25.20 -0.92 -13.74
C ASP B 86 24.05 -1.74 -14.33
N GLY B 87 23.39 -1.17 -15.34
CA GLY B 87 22.26 -1.78 -15.99
C GLY B 87 21.04 -1.97 -15.09
N SER B 88 20.80 -1.05 -14.17
CA SER B 88 19.64 -1.21 -13.27
C SER B 88 18.36 -0.55 -13.76
N ARG B 89 18.46 0.22 -14.84
CA ARG B 89 17.31 0.87 -15.44
C ARG B 89 17.46 0.74 -16.95
N PRO B 90 16.52 0.09 -17.63
CA PRO B 90 16.71 -0.01 -19.09
C PRO B 90 16.68 1.41 -19.66
N VAL B 91 17.60 1.70 -20.59
CA VAL B 91 17.68 3.04 -21.20
C VAL B 91 16.52 3.34 -22.14
N SER B 92 15.97 4.55 -21.99
CA SER B 92 14.85 5.03 -22.80
C SER B 92 15.11 4.79 -24.27
N LYS B 93 14.09 4.31 -24.98
CA LYS B 93 14.18 4.02 -26.41
C LYS B 93 14.82 5.24 -27.08
N PRO B 94 14.22 6.44 -26.90
CA PRO B 94 14.89 7.58 -27.54
C PRO B 94 15.84 8.20 -26.48
N ALA B 95 17.02 7.61 -26.29
CA ALA B 95 17.98 8.11 -25.30
C ALA B 95 18.20 9.60 -25.52
N ILE B 96 17.79 10.41 -24.55
CA ILE B 96 17.93 11.86 -24.68
C ILE B 96 19.38 12.33 -24.65
N GLN B 97 19.60 13.54 -25.14
CA GLN B 97 20.93 14.17 -25.17
C GLN B 97 21.25 14.87 -23.86
N HIS B 98 22.46 14.68 -23.39
CA HIS B 98 22.91 15.32 -22.17
C HIS B 98 23.95 16.36 -22.51
N LYS B 99 23.77 17.55 -21.97
CA LYS B 99 24.70 18.64 -22.15
C LYS B 99 25.69 18.50 -21.00
N TYR B 100 25.19 18.46 -19.78
CA TYR B 100 26.10 18.30 -18.62
C TYR B 100 26.27 16.79 -18.34
N GLY B 101 27.29 16.42 -17.55
CA GLY B 101 27.50 15.01 -17.25
C GLY B 101 26.57 14.47 -16.16
N PRO B 102 26.56 13.13 -15.93
CA PRO B 102 25.67 12.54 -14.92
C PRO B 102 25.70 13.24 -13.51
N ASN B 103 26.89 13.47 -12.98
CA ASN B 103 27.00 14.10 -11.67
C ASN B 103 26.28 15.45 -11.54
N VAL B 104 26.39 16.29 -12.59
CA VAL B 104 25.79 17.64 -12.59
C VAL B 104 24.29 17.51 -12.73
N GLU B 105 23.86 16.55 -13.55
CA GLU B 105 22.45 16.29 -13.72
C GLU B 105 21.90 15.75 -12.40
N LEU B 106 22.58 14.79 -11.76
CA LEU B 106 22.07 14.22 -10.53
C LEU B 106 21.87 15.31 -9.49
N LEU B 107 22.93 16.07 -9.22
CA LEU B 107 22.88 17.15 -8.22
C LEU B 107 21.86 18.23 -8.51
N THR B 108 21.81 18.65 -9.76
CA THR B 108 20.88 19.66 -10.22
C THR B 108 19.41 19.22 -9.98
N GLY B 109 19.11 17.95 -10.24
CA GLY B 109 17.77 17.44 -9.97
C GLY B 109 17.52 17.66 -8.46
N ASP B 110 18.53 17.37 -7.62
CA ASP B 110 18.40 17.54 -6.18
C ASP B 110 18.25 19.03 -5.84
N GLY B 111 18.76 19.93 -6.69
CA GLY B 111 18.65 21.37 -6.40
C GLY B 111 17.35 21.99 -6.87
N ILE B 112 16.75 21.42 -7.90
CA ILE B 112 15.51 21.95 -8.47
C ILE B 112 14.22 21.65 -7.66
N VAL B 113 14.14 20.41 -7.13
CA VAL B 113 12.97 20.04 -6.38
C VAL B 113 12.82 21.02 -5.21
N PRO B 114 13.90 21.27 -4.43
CA PRO B 114 13.65 22.22 -3.32
C PRO B 114 13.34 23.66 -3.81
N PHE B 115 13.78 23.96 -5.05
CA PHE B 115 13.50 25.28 -5.59
C PHE B 115 11.99 25.48 -5.66
N GLY B 116 11.25 24.43 -6.01
CA GLY B 116 9.79 24.47 -6.05
C GLY B 116 9.18 24.92 -4.71
N PHE B 117 9.62 24.28 -3.63
CA PHE B 117 9.13 24.55 -2.27
C PHE B 117 9.60 25.89 -1.76
N GLU B 118 10.80 26.29 -2.21
CA GLU B 118 11.25 27.64 -1.88
C GLU B 118 10.27 28.64 -2.58
N LEU B 119 9.95 28.41 -3.84
CA LEU B 119 9.01 29.33 -4.47
C LEU B 119 7.70 29.40 -3.70
N LEU B 120 7.12 28.24 -3.36
CA LEU B 120 5.85 28.23 -2.64
C LEU B 120 5.93 28.97 -1.32
N ALA B 121 6.82 28.57 -0.41
CA ALA B 121 7.00 29.24 0.86
C ALA B 121 7.20 30.75 0.63
N GLY B 122 7.97 31.08 -0.39
CA GLY B 122 8.23 32.49 -0.68
C GLY B 122 7.02 33.23 -1.23
N SER B 123 6.09 32.53 -1.85
CA SER B 123 4.98 33.27 -2.40
C SER B 123 3.96 33.70 -1.36
N VAL B 124 4.13 33.39 -0.08
CA VAL B 124 3.13 33.80 0.93
C VAL B 124 3.09 35.31 0.97
N ASP B 125 1.93 35.89 0.80
CA ASP B 125 1.85 37.32 0.86
C ASP B 125 1.35 37.60 2.27
N PRO B 126 2.21 38.19 3.11
CA PRO B 126 1.79 38.50 4.49
C PRO B 126 0.53 39.36 4.63
N ALA B 127 0.04 39.97 3.54
CA ALA B 127 -1.16 40.79 3.61
C ALA B 127 -2.45 39.98 3.32
N ARG B 128 -2.28 38.68 3.04
CA ARG B 128 -3.39 37.79 2.74
C ARG B 128 -3.38 36.78 3.85
N THR B 129 -4.46 36.76 4.62
CA THR B 129 -4.63 35.85 5.76
C THR B 129 -4.86 34.34 5.45
N ASP B 130 -5.40 34.02 4.28
CA ASP B 130 -5.66 32.61 3.99
C ASP B 130 -4.46 31.90 3.34
N ASP B 131 -3.44 32.68 2.98
CA ASP B 131 -2.26 32.14 2.32
C ASP B 131 -1.49 30.98 2.97
N PRO B 132 -1.09 31.15 4.24
CA PRO B 132 -0.34 30.10 4.95
C PRO B 132 -1.00 28.71 4.96
N ASP B 133 -2.28 28.65 5.22
CA ASP B 133 -2.97 27.36 5.25
C ASP B 133 -3.04 26.67 3.93
N ARG B 134 -3.27 27.45 2.90
CA ARG B 134 -3.42 26.93 1.58
C ARG B 134 -2.06 26.57 1.01
N ILE B 135 -1.08 27.42 1.22
CA ILE B 135 0.27 27.11 0.72
C ILE B 135 0.75 25.83 1.42
N LEU B 136 0.63 25.84 2.74
CA LEU B 136 1.04 24.67 3.52
C LEU B 136 0.43 23.38 2.95
N ARG B 137 -0.88 23.45 2.75
CA ARG B 137 -1.66 22.35 2.27
C ARG B 137 -1.12 21.82 0.90
N VAL B 138 -0.82 22.78 0.03
CA VAL B 138 -0.34 22.53 -1.29
C VAL B 138 1.08 21.97 -1.24
N ILE B 139 1.86 22.39 -0.25
CA ILE B 139 3.19 21.84 -0.11
C ILE B 139 3.05 20.34 0.26
N ILE B 140 2.04 20.01 1.07
CA ILE B 140 1.83 18.61 1.43
C ILE B 140 1.40 17.83 0.19
N GLU B 141 0.52 18.42 -0.61
CA GLU B 141 0.06 17.74 -1.82
C GLU B 141 1.19 17.39 -2.81
N ILE B 142 2.03 18.38 -3.12
CA ILE B 142 3.11 18.22 -4.08
C ILE B 142 4.19 17.28 -3.64
N SER B 143 4.64 17.40 -2.39
CA SER B 143 5.64 16.53 -1.85
C SER B 143 5.10 15.11 -1.79
N ARG B 144 3.81 14.94 -1.55
CA ARG B 144 3.24 13.58 -1.56
C ARG B 144 3.21 13.02 -2.98
N ALA B 145 2.69 13.79 -3.95
CA ALA B 145 2.58 13.34 -5.30
C ALA B 145 3.94 13.06 -5.92
N GLY B 146 4.94 13.82 -5.49
CA GLY B 146 6.24 13.57 -6.04
C GLY B 146 7.00 12.58 -5.18
N GLY B 147 6.38 12.12 -4.10
CA GLY B 147 7.09 11.21 -3.24
C GLY B 147 7.11 9.75 -3.60
N PRO B 148 7.53 8.92 -2.61
CA PRO B 148 7.62 7.46 -2.80
C PRO B 148 6.35 6.70 -3.10
N GLU B 149 5.18 7.19 -2.70
CA GLU B 149 3.98 6.45 -2.99
C GLU B 149 3.21 7.13 -4.09
N GLY B 150 3.84 8.10 -4.74
CA GLY B 150 3.22 8.81 -5.84
C GLY B 150 4.05 8.51 -7.06
N MET B 151 4.63 9.53 -7.64
CA MET B 151 5.41 9.45 -8.88
C MET B 151 6.61 8.43 -8.95
N ILE B 152 7.37 8.37 -7.84
CA ILE B 152 8.50 7.50 -7.67
C ILE B 152 8.02 6.07 -7.76
N SER B 153 6.85 5.79 -7.24
CA SER B 153 6.33 4.45 -7.39
C SER B 153 6.12 4.16 -8.89
N GLY B 154 5.54 5.09 -9.64
CA GLY B 154 5.32 4.82 -11.05
C GLY B 154 6.64 4.63 -11.81
N LEU B 155 7.56 5.55 -11.55
CA LEU B 155 8.90 5.57 -12.09
C LEU B 155 9.62 4.24 -11.81
N HIS B 156 9.46 3.71 -10.59
CA HIS B 156 10.08 2.47 -10.17
C HIS B 156 9.43 1.26 -10.91
N ARG B 157 8.10 1.17 -10.87
CA ARG B 157 7.34 0.09 -11.49
C ARG B 157 7.48 0.11 -12.99
N GLU B 158 7.67 1.31 -13.54
CA GLU B 158 7.82 1.42 -14.99
C GLU B 158 8.96 0.52 -15.54
N GLU B 159 10.02 0.32 -14.76
CA GLU B 159 11.17 -0.49 -15.19
C GLU B 159 10.79 -1.95 -15.31
N GLU B 160 9.58 -2.30 -14.89
CA GLU B 160 9.17 -3.69 -14.97
C GLU B 160 8.46 -3.97 -16.25
N ILE B 161 8.12 -2.91 -16.97
CA ILE B 161 7.41 -3.02 -18.24
C ILE B 161 8.33 -3.55 -19.33
N VAL B 162 7.94 -4.67 -19.95
CA VAL B 162 8.71 -5.25 -21.05
C VAL B 162 7.93 -4.91 -22.33
N ASP B 163 8.51 -4.06 -23.18
CA ASP B 163 7.85 -3.64 -24.43
C ASP B 163 7.12 -4.77 -25.15
N GLY B 164 5.85 -4.51 -25.44
CA GLY B 164 5.04 -5.50 -26.12
C GLY B 164 5.08 -6.81 -25.35
N ASN B 165 4.55 -6.79 -24.12
CA ASN B 165 4.51 -8.00 -23.28
C ASN B 165 4.00 -7.80 -21.84
N THR B 166 3.54 -6.59 -21.57
CA THR B 166 2.99 -6.22 -20.29
C THR B 166 1.55 -5.83 -20.57
N SER B 167 0.66 -6.24 -19.69
CA SER B 167 -0.78 -5.99 -19.87
C SER B 167 -1.13 -4.58 -19.75
N LEU B 168 -2.24 -4.22 -20.38
CA LEU B 168 -2.72 -2.88 -20.28
C LEU B 168 -3.04 -2.52 -18.79
N ASP B 169 -3.55 -3.47 -18.01
CA ASP B 169 -3.88 -3.20 -16.60
C ASP B 169 -2.67 -2.68 -15.88
N PHE B 170 -1.54 -3.35 -16.12
CA PHE B 170 -0.30 -2.96 -15.47
C PHE B 170 0.18 -1.64 -15.98
N ILE B 171 0.08 -1.41 -17.27
CA ILE B 171 0.54 -0.14 -17.83
C ILE B 171 -0.31 1.03 -17.35
N GLU B 172 -1.59 0.81 -17.28
CA GLU B 172 -2.43 1.89 -16.85
C GLU B 172 -1.99 2.18 -15.41
N TYR B 173 -1.81 1.17 -14.61
CA TYR B 173 -1.39 1.41 -13.24
C TYR B 173 -0.12 2.31 -13.15
N VAL B 174 0.92 1.97 -13.94
CA VAL B 174 2.14 2.77 -13.95
C VAL B 174 1.87 4.26 -14.26
N CYS B 175 1.01 4.51 -15.24
CA CYS B 175 0.63 5.87 -15.62
C CYS B 175 -0.18 6.59 -14.49
N LYS B 176 -0.96 5.83 -13.75
CA LYS B 176 -1.76 6.39 -12.69
C LYS B 176 -0.76 6.93 -11.63
N LYS B 177 0.27 6.14 -11.35
CA LYS B 177 1.22 6.54 -10.34
C LYS B 177 2.16 7.63 -10.87
N LYS B 178 2.71 7.37 -12.06
CA LYS B 178 3.66 8.26 -12.67
C LYS B 178 3.08 9.58 -13.15
N TYR B 179 1.85 9.60 -13.68
CA TYR B 179 1.25 10.84 -14.17
C TYR B 179 -0.04 11.23 -13.49
N GLY B 180 -0.96 10.27 -13.29
CA GLY B 180 -2.21 10.59 -12.63
C GLY B 180 -2.14 11.30 -11.27
N GLU B 181 -1.29 10.77 -10.38
CA GLU B 181 -1.18 11.29 -9.05
C GLU B 181 -0.82 12.79 -9.09
N MET B 182 0.08 13.15 -10.00
CA MET B 182 0.51 14.53 -10.15
C MET B 182 -0.58 15.46 -10.81
N HIS B 183 -1.33 14.93 -11.77
CA HIS B 183 -2.33 15.76 -12.37
C HIS B 183 -3.38 15.89 -11.32
N ALA B 184 -3.62 14.84 -10.57
CA ALA B 184 -4.63 14.94 -9.55
C ALA B 184 -4.23 16.08 -8.59
N CYS B 185 -2.92 16.13 -8.34
CA CYS B 185 -2.30 17.10 -7.41
C CYS B 185 -2.45 18.51 -7.97
N GLY B 186 -2.00 18.70 -9.22
CA GLY B 186 -2.17 20.01 -9.86
C GLY B 186 -3.60 20.58 -9.79
N ALA B 187 -4.59 19.77 -10.15
CA ALA B 187 -6.00 20.26 -10.09
C ALA B 187 -6.43 20.52 -8.62
N ALA B 188 -6.08 19.58 -7.75
CA ALA B 188 -6.42 19.71 -6.36
C ALA B 188 -5.80 21.01 -5.79
N CYS B 189 -4.50 21.22 -6.00
CA CYS B 189 -3.82 22.43 -5.55
C CYS B 189 -4.44 23.69 -6.15
N GLY B 190 -4.70 23.66 -7.46
CA GLY B 190 -5.33 24.78 -8.14
C GLY B 190 -6.65 25.16 -7.51
N ALA B 191 -7.46 24.17 -7.17
CA ALA B 191 -8.75 24.44 -6.54
C ALA B 191 -8.54 24.97 -5.12
N ILE B 192 -7.58 24.39 -4.42
CA ILE B 192 -7.27 24.81 -3.08
C ILE B 192 -6.86 26.29 -3.05
N LEU B 193 -5.87 26.63 -3.86
CA LEU B 193 -5.39 27.99 -3.94
C LEU B 193 -6.48 28.96 -4.46
N GLY B 194 -7.46 28.45 -5.23
CA GLY B 194 -8.51 29.31 -5.71
C GLY B 194 -9.62 29.55 -4.65
N GLY B 195 -9.61 28.82 -3.54
CA GLY B 195 -10.66 29.05 -2.57
C GLY B 195 -11.81 28.07 -2.68
N ALA B 196 -11.62 27.01 -3.47
CA ALA B 196 -12.67 26.01 -3.64
C ALA B 196 -12.97 25.33 -2.34
N ALA B 197 -14.21 24.85 -2.22
CA ALA B 197 -14.65 24.16 -1.02
C ALA B 197 -14.27 22.66 -1.20
N GLU B 198 -14.36 21.91 -0.09
CA GLU B 198 -13.94 20.51 -0.12
C GLU B 198 -14.53 19.66 -1.22
N GLU B 199 -15.80 19.81 -1.49
CA GLU B 199 -16.41 19.00 -2.55
C GLU B 199 -15.83 19.23 -3.97
N GLU B 200 -15.60 20.50 -4.34
CA GLU B 200 -15.06 20.88 -5.65
C GLU B 200 -13.58 20.43 -5.78
N ILE B 201 -12.85 20.52 -4.66
CA ILE B 201 -11.46 20.12 -4.62
C ILE B 201 -11.37 18.63 -4.95
N GLN B 202 -12.21 17.85 -4.25
CA GLN B 202 -12.24 16.42 -4.43
C GLN B 202 -12.66 16.08 -5.86
N LYS B 203 -13.62 16.83 -6.39
CA LYS B 203 -14.03 16.52 -7.72
C LYS B 203 -12.94 16.79 -8.72
N LEU B 204 -12.30 17.94 -8.60
CA LEU B 204 -11.24 18.31 -9.54
C LEU B 204 -10.05 17.38 -9.33
N ARG B 205 -9.83 17.01 -8.09
CA ARG B 205 -8.76 16.10 -7.82
C ARG B 205 -8.96 14.79 -8.63
N ASN B 206 -10.16 14.19 -8.51
CA ASN B 206 -10.46 12.95 -9.20
C ASN B 206 -10.42 13.11 -10.68
N PHE B 207 -10.84 14.26 -11.20
CA PHE B 207 -10.82 14.47 -12.63
C PHE B 207 -9.35 14.37 -13.06
N GLY B 208 -8.52 15.21 -12.46
CA GLY B 208 -7.10 15.16 -12.80
C GLY B 208 -6.49 13.78 -12.66
N LEU B 209 -6.89 13.02 -11.63
CA LEU B 209 -6.34 11.70 -11.48
C LEU B 209 -6.63 10.86 -12.73
N TYR B 210 -7.88 10.93 -13.21
CA TYR B 210 -8.25 10.20 -14.41
C TYR B 210 -7.59 10.83 -15.61
N GLN B 211 -7.74 12.14 -15.75
CA GLN B 211 -7.15 12.78 -16.90
C GLN B 211 -5.63 12.57 -17.09
N GLY B 212 -4.85 12.57 -16.00
CA GLY B 212 -3.42 12.37 -16.13
C GLY B 212 -3.06 10.96 -16.48
N THR B 213 -3.88 9.99 -16.04
CA THR B 213 -3.64 8.58 -16.32
C THR B 213 -3.87 8.39 -17.81
N LEU B 214 -4.90 9.04 -18.35
CA LEU B 214 -5.19 8.95 -19.77
C LEU B 214 -4.07 9.53 -20.55
N ARG B 215 -3.73 10.76 -20.18
CA ARG B 215 -2.66 11.47 -20.85
C ARG B 215 -1.37 10.66 -20.93
N GLY B 216 -0.92 10.10 -19.80
CA GLY B 216 0.31 9.33 -19.79
C GLY B 216 0.10 8.03 -20.53
N MET B 217 -1.14 7.59 -20.51
CA MET B 217 -1.48 6.37 -21.20
C MET B 217 -1.17 6.59 -22.69
N MET B 218 -1.27 7.84 -23.13
CA MET B 218 -0.99 8.19 -24.51
C MET B 218 0.50 8.24 -24.82
N GLU B 219 1.30 8.82 -23.93
CA GLU B 219 2.75 8.86 -24.17
C GLU B 219 3.23 7.47 -24.49
N MET B 220 2.82 6.50 -23.68
CA MET B 220 3.29 5.15 -23.90
C MET B 220 2.77 4.48 -25.17
N LYS B 221 1.67 5.02 -25.74
CA LYS B 221 1.06 4.42 -26.93
C LYS B 221 2.01 4.02 -28.04
N ASN B 222 3.22 4.58 -28.02
CA ASN B 222 4.24 4.29 -29.03
C ASN B 222 4.91 2.94 -28.74
N SER B 223 5.28 2.74 -27.48
CA SER B 223 5.94 1.53 -27.02
C SER B 223 5.09 0.25 -27.19
N HIS B 224 3.78 0.37 -27.00
CA HIS B 224 2.88 -0.77 -27.11
C HIS B 224 1.64 -0.42 -27.95
N GLN B 225 1.72 -0.69 -29.25
CA GLN B 225 0.60 -0.41 -30.15
C GLN B 225 -0.57 -1.34 -29.77
N LEU B 226 -1.42 -0.85 -28.88
CA LEU B 226 -2.57 -1.59 -28.39
C LEU B 226 -3.51 -0.56 -27.78
N ILE B 227 -3.47 0.64 -28.35
CA ILE B 227 -4.27 1.77 -27.93
C ILE B 227 -5.76 1.40 -27.88
N ASP B 228 -6.10 0.38 -27.10
CA ASP B 228 -7.48 -0.05 -26.98
C ASP B 228 -8.32 1.10 -26.45
N GLU B 229 -9.18 1.62 -27.31
CA GLU B 229 -10.04 2.74 -26.98
C GLU B 229 -10.94 2.44 -25.79
N ASN B 230 -11.22 1.17 -25.55
CA ASN B 230 -12.09 0.82 -24.44
C ASN B 230 -11.55 1.32 -23.10
N ILE B 231 -10.23 1.25 -22.91
CA ILE B 231 -9.59 1.73 -21.67
C ILE B 231 -9.57 3.26 -21.70
N ILE B 232 -9.22 3.78 -22.87
CA ILE B 232 -9.17 5.22 -23.11
C ILE B 232 -10.54 5.79 -22.80
N GLY B 233 -11.58 5.11 -23.30
CA GLY B 233 -12.94 5.54 -23.07
C GLY B 233 -13.37 5.44 -21.62
N LYS B 234 -13.12 4.29 -20.99
CA LYS B 234 -13.50 4.04 -19.57
C LYS B 234 -13.00 5.16 -18.66
N LEU B 235 -11.80 5.64 -18.98
CA LEU B 235 -11.17 6.71 -18.22
C LEU B 235 -11.94 8.02 -18.37
N LYS B 236 -12.20 8.43 -19.61
CA LYS B 236 -12.93 9.68 -19.86
C LYS B 236 -14.29 9.68 -19.15
N GLU B 237 -14.94 8.52 -19.12
CA GLU B 237 -16.23 8.44 -18.47
C GLU B 237 -16.13 8.67 -16.97
N LEU B 238 -15.17 8.02 -16.32
CA LEU B 238 -14.99 8.20 -14.87
C LEU B 238 -14.71 9.65 -14.55
N ALA B 239 -13.92 10.26 -15.43
CA ALA B 239 -13.50 11.66 -15.33
C ALA B 239 -14.63 12.65 -15.46
N LEU B 240 -15.21 12.72 -16.66
CA LEU B 240 -16.33 13.61 -16.96
C LEU B 240 -17.45 13.39 -15.96
N GLU B 241 -17.41 12.25 -15.29
CA GLU B 241 -18.41 11.90 -14.29
C GLU B 241 -18.17 12.78 -13.06
N GLU B 242 -16.92 13.15 -12.85
CA GLU B 242 -16.53 13.98 -11.69
C GLU B 242 -16.81 15.47 -11.92
N LEU B 243 -16.86 15.89 -13.19
CA LEU B 243 -17.14 17.28 -13.54
C LEU B 243 -18.63 17.56 -13.40
N GLY B 244 -19.42 16.49 -13.49
CA GLY B 244 -20.86 16.61 -13.34
C GLY B 244 -21.13 17.04 -11.92
N GLY B 245 -21.80 18.18 -11.79
CA GLY B 245 -22.10 18.72 -10.48
C GLY B 245 -21.62 20.15 -10.51
N PHE B 246 -20.55 20.35 -11.29
CA PHE B 246 -19.93 21.66 -11.47
C PHE B 246 -20.61 22.38 -12.66
N HIS B 247 -21.31 21.61 -13.49
CA HIS B 247 -22.05 22.13 -14.65
C HIS B 247 -21.77 23.56 -15.15
N GLY B 248 -21.45 23.64 -16.45
CA GLY B 248 -21.15 24.91 -17.08
C GLY B 248 -19.93 24.67 -17.95
N LYS B 249 -19.12 25.69 -18.19
CA LYS B 249 -17.91 25.50 -18.99
C LYS B 249 -17.08 24.50 -18.18
N ASN B 250 -17.34 24.49 -16.88
CA ASN B 250 -16.68 23.60 -15.94
C ASN B 250 -16.53 22.22 -16.59
N ALA B 251 -17.63 21.49 -16.70
CA ALA B 251 -17.63 20.16 -17.30
C ALA B 251 -17.24 20.27 -18.77
N GLU B 252 -16.69 21.42 -19.15
CA GLU B 252 -16.32 21.66 -20.53
C GLU B 252 -14.89 22.20 -20.73
N LEU B 253 -14.59 23.39 -20.22
CA LEU B 253 -13.26 23.97 -20.38
C LEU B 253 -12.21 22.96 -19.98
N MET B 254 -12.65 21.98 -19.19
CA MET B 254 -11.78 20.93 -18.73
C MET B 254 -11.69 19.80 -19.76
N SER B 255 -12.82 19.40 -20.31
CA SER B 255 -12.84 18.32 -21.29
C SER B 255 -11.89 18.54 -22.47
N SER B 256 -11.54 19.80 -22.74
CA SER B 256 -10.62 20.14 -23.83
C SER B 256 -9.28 19.40 -23.64
N LEU B 257 -9.03 19.05 -22.37
CA LEU B 257 -7.83 18.35 -21.95
C LEU B 257 -7.87 16.84 -22.29
N VAL B 258 -9.01 16.40 -22.80
CA VAL B 258 -9.21 14.99 -23.19
C VAL B 258 -9.35 14.84 -24.73
N ALA B 259 -9.29 15.96 -25.46
CA ALA B 259 -9.41 15.96 -26.91
C ALA B 259 -8.26 15.16 -27.55
N MET C 1 4.39 -23.36 26.30
CA MET C 1 3.66 -22.06 26.46
C MET C 1 3.03 -21.95 27.86
N GLN C 2 2.60 -20.74 28.21
CA GLN C 2 1.97 -20.48 29.51
C GLN C 2 0.63 -21.19 29.60
N PRO C 3 0.20 -21.51 30.85
CA PRO C 3 -1.02 -22.20 31.30
C PRO C 3 -2.31 -21.56 30.80
N TYR C 4 -2.37 -20.24 30.90
CA TYR C 4 -3.56 -19.54 30.45
C TYR C 4 -3.82 -19.72 28.93
N TRP C 5 -2.77 -19.52 28.15
CA TRP C 5 -2.81 -19.61 26.70
C TRP C 5 -2.99 -21.00 26.16
N ALA C 6 -2.50 -22.03 26.86
CA ALA C 6 -2.76 -23.38 26.36
C ALA C 6 -4.20 -23.75 26.63
N ALA C 7 -4.80 -23.14 27.63
CA ALA C 7 -6.15 -23.57 27.90
C ALA C 7 -7.14 -22.91 26.96
N ILE C 8 -6.82 -21.71 26.52
CA ILE C 8 -7.71 -20.97 25.60
C ILE C 8 -7.65 -21.79 24.32
N GLU C 9 -6.43 -22.07 23.94
CA GLU C 9 -6.18 -22.85 22.76
C GLU C 9 -6.94 -24.15 22.78
N ALA C 10 -6.96 -24.84 23.91
CA ALA C 10 -7.67 -26.12 23.94
C ALA C 10 -9.16 -25.91 23.79
N ASP C 11 -9.66 -24.78 24.29
CA ASP C 11 -11.07 -24.43 24.14
C ASP C 11 -11.39 -24.35 22.63
N ILE C 12 -10.57 -23.61 21.91
CA ILE C 12 -10.76 -23.45 20.48
C ILE C 12 -10.68 -24.81 19.80
N GLU C 13 -9.70 -25.65 20.19
CA GLU C 13 -9.63 -26.97 19.60
C GLU C 13 -10.94 -27.76 19.82
N ARG C 14 -11.45 -27.76 21.04
CA ARG C 14 -12.69 -28.50 21.31
C ARG C 14 -13.86 -27.94 20.51
N TYR C 15 -13.91 -26.61 20.36
CA TYR C 15 -15.00 -25.99 19.58
C TYR C 15 -14.89 -26.42 18.12
N LEU C 16 -13.71 -26.29 17.54
CA LEU C 16 -13.49 -26.73 16.17
C LEU C 16 -13.85 -28.19 15.99
N LYS C 17 -13.47 -29.04 16.92
CA LYS C 17 -13.77 -30.48 16.81
C LYS C 17 -15.26 -30.80 16.85
N LYS C 18 -16.01 -30.00 17.59
CA LYS C 18 -17.44 -30.12 17.76
C LYS C 18 -18.12 -29.60 16.47
N SER C 19 -17.60 -28.52 15.91
CA SER C 19 -18.19 -28.00 14.69
C SER C 19 -17.83 -28.79 13.44
N ILE C 20 -16.75 -29.58 13.46
CA ILE C 20 -16.36 -30.35 12.27
C ILE C 20 -16.43 -31.87 12.45
N THR C 21 -17.65 -32.35 12.58
CA THR C 21 -17.96 -33.76 12.79
C THR C 21 -17.76 -34.65 11.50
N ILE C 22 -16.67 -35.43 11.43
CA ILE C 22 -16.40 -36.30 10.25
C ILE C 22 -17.57 -37.21 9.82
N ARG C 23 -18.37 -36.79 8.84
CA ARG C 23 -19.53 -37.57 8.41
C ARG C 23 -19.53 -37.84 6.91
N PRO C 24 -20.46 -38.69 6.43
CA PRO C 24 -20.43 -38.94 4.98
C PRO C 24 -20.82 -37.65 4.27
N PRO C 25 -20.21 -37.40 3.10
CA PRO C 25 -19.20 -38.27 2.49
C PRO C 25 -17.84 -37.98 3.15
N GLU C 26 -17.15 -39.04 3.54
CA GLU C 26 -15.85 -38.90 4.19
C GLU C 26 -14.74 -38.41 3.26
N THR C 27 -14.85 -38.53 1.93
CA THR C 27 -13.74 -38.02 1.08
C THR C 27 -13.75 -36.50 1.15
N VAL C 28 -14.84 -35.98 1.70
CA VAL C 28 -15.05 -34.56 1.87
C VAL C 28 -14.70 -34.07 3.28
N PHE C 29 -15.35 -34.62 4.31
CA PHE C 29 -15.14 -34.17 5.70
C PHE C 29 -13.91 -34.78 6.42
N GLY C 30 -13.41 -35.87 5.82
CA GLY C 30 -12.24 -36.49 6.38
C GLY C 30 -11.10 -35.52 6.17
N PRO C 31 -10.83 -35.09 4.93
CA PRO C 31 -9.74 -34.15 4.62
C PRO C 31 -9.96 -32.78 5.26
N MET C 32 -11.24 -32.39 5.34
CA MET C 32 -11.54 -31.11 5.96
C MET C 32 -11.16 -31.16 7.47
N HIS C 33 -11.35 -32.31 8.12
CA HIS C 33 -11.08 -32.45 9.54
C HIS C 33 -9.60 -32.56 9.82
N HIS C 34 -8.94 -33.36 9.00
CA HIS C 34 -7.51 -33.53 9.14
C HIS C 34 -6.72 -32.22 8.96
N LEU C 35 -7.03 -31.49 7.89
CA LEU C 35 -6.28 -30.28 7.62
C LEU C 35 -6.54 -29.10 8.59
N THR C 36 -7.70 -29.10 9.22
CA THR C 36 -8.02 -28.05 10.12
C THR C 36 -7.04 -28.19 11.27
N PHE C 37 -6.85 -29.42 11.72
CA PHE C 37 -5.94 -29.68 12.82
C PHE C 37 -4.49 -29.95 12.42
N ALA C 38 -4.19 -30.13 11.14
CA ALA C 38 -2.80 -30.33 10.73
C ALA C 38 -2.06 -28.98 10.68
N ALA C 39 -2.82 -27.88 10.56
CA ALA C 39 -2.21 -26.56 10.47
C ALA C 39 -1.72 -26.23 11.84
N PRO C 40 -0.67 -25.40 11.95
CA PRO C 40 -0.10 -24.98 13.25
C PRO C 40 -1.16 -24.13 13.98
N ALA C 41 -1.09 -24.10 15.31
CA ALA C 41 -1.94 -23.30 16.19
C ALA C 41 -1.54 -21.87 15.92
N THR C 42 -2.48 -20.90 15.92
CA THR C 42 -2.08 -19.48 15.73
C THR C 42 -2.60 -18.60 16.94
N ALA C 43 -1.70 -17.79 17.51
CA ALA C 43 -2.09 -16.88 18.59
C ALA C 43 -3.17 -15.85 18.09
N ALA C 44 -3.20 -15.56 16.78
CA ALA C 44 -4.22 -14.67 16.25
C ALA C 44 -5.62 -15.21 16.66
N SER C 45 -5.71 -16.51 16.84
CA SER C 45 -6.99 -17.06 17.22
C SER C 45 -7.22 -16.92 18.74
N THR C 46 -6.21 -17.21 19.52
CA THR C 46 -6.41 -17.17 20.95
C THR C 46 -6.51 -15.74 21.44
N LEU C 47 -5.77 -14.86 20.78
CA LEU C 47 -5.71 -13.43 21.03
C LEU C 47 -7.15 -12.88 20.93
N CYS C 48 -7.97 -13.51 20.10
CA CYS C 48 -9.34 -13.10 19.94
C CYS C 48 -10.14 -13.35 21.23
N LEU C 49 -10.09 -14.59 21.75
CA LEU C 49 -10.77 -14.93 23.00
C LEU C 49 -10.19 -14.01 24.08
N ALA C 50 -8.88 -13.98 24.17
CA ALA C 50 -8.23 -13.17 25.17
C ALA C 50 -8.66 -11.71 25.17
N ALA C 51 -8.54 -11.00 24.06
CA ALA C 51 -8.93 -9.61 24.08
C ALA C 51 -10.42 -9.44 24.45
N CYS C 52 -11.26 -10.40 24.13
CA CYS C 52 -12.67 -10.26 24.44
C CYS C 52 -12.88 -10.25 25.96
N GLU C 53 -12.27 -11.21 26.65
CA GLU C 53 -12.46 -11.20 28.07
C GLU C 53 -11.72 -10.01 28.64
N LEU C 54 -10.58 -9.61 28.06
CA LEU C 54 -9.87 -8.43 28.55
C LEU C 54 -10.75 -7.17 28.57
N VAL C 55 -11.73 -7.06 27.68
CA VAL C 55 -12.59 -5.85 27.68
C VAL C 55 -13.96 -6.02 28.35
N GLY C 56 -14.15 -7.14 29.07
CA GLY C 56 -15.39 -7.38 29.77
C GLY C 56 -16.17 -8.58 29.28
N GLY C 57 -16.04 -8.84 27.98
CA GLY C 57 -16.74 -9.94 27.37
C GLY C 57 -16.43 -11.30 27.95
N ASP C 58 -17.20 -12.26 27.47
CA ASP C 58 -17.10 -13.66 27.85
C ASP C 58 -16.53 -14.34 26.61
N ARG C 59 -15.31 -14.84 26.73
CA ARG C 59 -14.65 -15.51 25.61
C ARG C 59 -15.60 -16.31 24.76
N SER C 60 -16.68 -16.80 25.35
CA SER C 60 -17.65 -17.60 24.65
C SER C 60 -18.29 -16.89 23.46
N GLN C 61 -18.40 -15.56 23.55
CA GLN C 61 -19.00 -14.84 22.44
C GLN C 61 -18.00 -14.63 21.32
N ALA C 62 -16.71 -14.74 21.64
CA ALA C 62 -15.64 -14.57 20.69
C ALA C 62 -15.23 -15.93 20.06
N MET C 63 -15.85 -16.99 20.54
CA MET C 63 -15.53 -18.31 20.04
C MET C 63 -15.70 -18.52 18.51
N ALA C 64 -16.84 -18.12 17.93
CA ALA C 64 -17.05 -18.34 16.51
C ALA C 64 -15.96 -17.66 15.72
N ALA C 65 -15.58 -16.46 16.14
CA ALA C 65 -14.58 -15.65 15.48
C ALA C 65 -13.18 -16.27 15.65
N ALA C 66 -12.89 -16.84 16.83
CA ALA C 66 -11.59 -17.47 17.04
C ALA C 66 -11.42 -18.71 16.05
N ALA C 67 -12.48 -19.52 15.96
CA ALA C 67 -12.54 -20.68 15.10
C ALA C 67 -12.33 -20.24 13.62
N ALA C 68 -12.99 -19.13 13.24
CA ALA C 68 -12.95 -18.65 11.87
C ALA C 68 -11.58 -18.18 11.56
N ILE C 69 -10.95 -17.54 12.52
CA ILE C 69 -9.62 -17.06 12.32
C ILE C 69 -8.64 -18.24 12.15
N HIS C 70 -8.79 -19.26 12.98
CA HIS C 70 -7.89 -20.36 12.83
C HIS C 70 -8.12 -21.01 11.45
N LEU C 71 -9.38 -21.09 11.06
CA LEU C 71 -9.76 -21.71 9.82
C LEU C 71 -9.21 -20.94 8.60
N VAL C 72 -9.30 -19.61 8.58
CA VAL C 72 -8.73 -18.81 7.48
C VAL C 72 -7.23 -19.07 7.44
N HIS C 73 -6.61 -19.14 8.61
CA HIS C 73 -5.18 -19.42 8.64
C HIS C 73 -4.81 -20.89 8.15
N ALA C 74 -5.61 -21.88 8.49
CA ALA C 74 -5.36 -23.25 8.13
C ALA C 74 -5.43 -23.37 6.62
N ALA C 75 -6.46 -22.84 5.99
CA ALA C 75 -6.56 -22.89 4.54
C ALA C 75 -5.34 -22.22 3.93
N ALA C 76 -4.91 -21.11 4.51
CA ALA C 76 -3.75 -20.44 3.97
C ALA C 76 -2.48 -21.32 4.09
N TYR C 77 -2.40 -22.04 5.20
CA TYR C 77 -1.28 -22.89 5.49
C TYR C 77 -1.14 -24.02 4.42
N VAL C 78 -2.25 -24.68 4.16
CA VAL C 78 -2.30 -25.73 3.25
C VAL C 78 -1.92 -25.22 1.88
N HIS C 79 -2.53 -24.10 1.46
CA HIS C 79 -2.23 -23.61 0.13
C HIS C 79 -0.79 -23.27 -0.10
N GLU C 80 -0.18 -22.72 0.94
CA GLU C 80 1.23 -22.30 0.94
C GLU C 80 2.21 -23.52 0.75
N HIS C 81 1.72 -24.70 1.12
CA HIS C 81 2.55 -25.89 1.07
C HIS C 81 2.19 -26.81 -0.05
N LEU C 82 1.31 -26.32 -0.91
CA LEU C 82 0.85 -27.07 -2.04
C LEU C 82 1.98 -27.42 -3.00
N PRO C 83 2.09 -28.71 -3.33
CA PRO C 83 3.13 -29.16 -4.27
C PRO C 83 2.81 -28.47 -5.62
N LEU C 84 3.66 -27.59 -6.13
CA LEU C 84 3.34 -26.94 -7.40
C LEU C 84 4.27 -27.43 -8.55
N THR C 85 3.70 -27.68 -9.73
CA THR C 85 4.47 -28.21 -10.84
C THR C 85 5.39 -27.33 -11.69
N ASP C 86 5.02 -26.08 -11.93
CA ASP C 86 5.84 -25.16 -12.77
C ASP C 86 7.01 -24.55 -12.09
N GLY C 87 7.17 -24.87 -10.81
CA GLY C 87 8.24 -24.27 -10.05
C GLY C 87 8.05 -22.78 -10.18
N SER C 88 6.87 -22.29 -9.82
CA SER C 88 6.59 -20.86 -9.87
C SER C 88 6.92 -20.26 -8.51
N ARG C 89 7.26 -21.11 -7.57
CA ARG C 89 7.63 -20.59 -6.27
C ARG C 89 8.72 -21.44 -5.62
N PRO C 90 9.66 -20.79 -4.94
CA PRO C 90 10.71 -21.59 -4.31
C PRO C 90 10.06 -22.64 -3.41
N VAL C 91 10.40 -23.92 -3.60
CA VAL C 91 9.80 -24.98 -2.77
C VAL C 91 10.35 -24.91 -1.33
N SER C 92 10.00 -23.83 -0.62
CA SER C 92 10.45 -23.58 0.75
C SER C 92 11.22 -24.75 1.35
N LYS C 93 12.53 -24.55 1.51
CA LYS C 93 13.42 -25.56 2.11
C LYS C 93 12.58 -26.45 3.06
N PRO C 94 11.78 -25.80 3.98
CA PRO C 94 10.93 -26.54 4.93
C PRO C 94 9.68 -27.18 4.30
N ALA C 95 9.87 -28.41 3.80
CA ALA C 95 8.80 -29.21 3.20
C ALA C 95 8.11 -29.87 4.39
N ILE C 96 6.80 -30.05 4.31
CA ILE C 96 6.08 -30.66 5.40
C ILE C 96 5.53 -32.00 4.91
N GLN C 97 4.88 -32.75 5.81
CA GLN C 97 4.28 -34.03 5.42
C GLN C 97 2.94 -33.76 4.74
N HIS C 98 2.57 -34.64 3.82
CA HIS C 98 1.30 -34.52 3.08
C HIS C 98 0.48 -35.80 3.06
N LYS C 99 -0.52 -35.85 3.93
CA LYS C 99 -1.41 -36.98 4.00
C LYS C 99 -2.27 -37.19 2.76
N TYR C 100 -2.66 -36.11 2.07
CA TYR C 100 -3.52 -36.14 0.88
C TYR C 100 -2.81 -35.45 -0.33
N GLY C 101 -3.27 -35.78 -1.53
CA GLY C 101 -2.74 -35.19 -2.75
C GLY C 101 -3.12 -33.72 -2.91
N PRO C 102 -2.43 -33.03 -3.81
CA PRO C 102 -2.67 -31.61 -4.09
C PRO C 102 -4.12 -31.21 -4.39
N ASN C 103 -4.81 -32.02 -5.17
CA ASN C 103 -6.12 -31.65 -5.53
C ASN C 103 -7.02 -31.60 -4.30
N VAL C 104 -6.89 -32.61 -3.44
CA VAL C 104 -7.67 -32.63 -2.25
C VAL C 104 -7.26 -31.48 -1.32
N GLU C 105 -5.95 -31.19 -1.28
CA GLU C 105 -5.50 -30.12 -0.40
C GLU C 105 -6.04 -28.75 -0.87
N LEU C 106 -5.87 -28.46 -2.15
CA LEU C 106 -6.33 -27.23 -2.74
C LEU C 106 -7.80 -26.96 -2.41
N LEU C 107 -8.59 -27.97 -2.76
CA LEU C 107 -10.02 -27.97 -2.61
C LEU C 107 -10.52 -27.82 -1.19
N THR C 108 -9.93 -28.56 -0.25
CA THR C 108 -10.35 -28.49 1.12
C THR C 108 -10.10 -27.06 1.66
N GLY C 109 -8.92 -26.52 1.36
CA GLY C 109 -8.57 -25.16 1.77
C GLY C 109 -9.70 -24.27 1.26
N ASP C 110 -10.00 -24.43 -0.01
CA ASP C 110 -11.07 -23.65 -0.57
C ASP C 110 -12.41 -23.84 0.25
N GLY C 111 -12.58 -24.98 0.90
CA GLY C 111 -13.82 -25.24 1.64
C GLY C 111 -13.78 -24.86 3.12
N ILE C 112 -12.58 -24.71 3.62
CA ILE C 112 -12.33 -24.34 4.99
C ILE C 112 -12.68 -22.84 5.29
N VAL C 113 -12.28 -21.92 4.42
CA VAL C 113 -12.54 -20.49 4.56
C VAL C 113 -14.03 -20.20 4.67
N PRO C 114 -14.85 -20.56 3.66
CA PRO C 114 -16.28 -20.28 3.81
C PRO C 114 -16.84 -20.86 5.11
N PHE C 115 -16.27 -21.98 5.57
CA PHE C 115 -16.76 -22.59 6.77
C PHE C 115 -16.58 -21.65 7.95
N GLY C 116 -15.49 -20.90 7.96
CA GLY C 116 -15.27 -19.97 9.04
C GLY C 116 -16.35 -18.89 9.01
N PHE C 117 -16.79 -18.53 7.81
CA PHE C 117 -17.81 -17.50 7.75
C PHE C 117 -19.15 -18.08 8.13
N GLU C 118 -19.33 -19.37 7.88
CA GLU C 118 -20.57 -20.04 8.23
C GLU C 118 -20.77 -20.04 9.77
N LEU C 119 -19.76 -20.47 10.47
CA LEU C 119 -19.79 -20.46 11.92
C LEU C 119 -20.11 -19.01 12.40
N LEU C 120 -19.41 -18.02 11.87
CA LEU C 120 -19.65 -16.66 12.26
C LEU C 120 -21.12 -16.31 11.99
N ALA C 121 -21.49 -16.27 10.73
CA ALA C 121 -22.86 -15.94 10.37
C ALA C 121 -23.89 -16.62 11.29
N GLY C 122 -23.71 -17.93 11.46
CA GLY C 122 -24.64 -18.72 12.24
C GLY C 122 -24.56 -18.60 13.73
N SER C 123 -23.63 -17.80 14.23
CA SER C 123 -23.49 -17.63 15.66
C SER C 123 -24.36 -16.47 16.19
N VAL C 124 -25.04 -15.78 15.27
CA VAL C 124 -25.89 -14.67 15.66
C VAL C 124 -26.98 -15.07 16.70
N ASP C 125 -26.92 -14.39 17.85
CA ASP C 125 -27.86 -14.61 18.96
C ASP C 125 -28.99 -13.55 18.93
N PRO C 126 -30.23 -13.99 18.63
CA PRO C 126 -31.41 -13.10 18.56
C PRO C 126 -31.63 -12.22 19.80
N ALA C 127 -31.47 -12.83 20.98
CA ALA C 127 -31.62 -12.18 22.29
C ALA C 127 -30.43 -11.26 22.59
N ARG C 128 -29.78 -10.81 21.51
CA ARG C 128 -28.64 -9.93 21.62
C ARG C 128 -28.91 -8.81 20.64
N THR C 129 -28.84 -7.58 21.15
CA THR C 129 -29.10 -6.37 20.37
C THR C 129 -28.11 -6.18 19.21
N ASP C 130 -26.91 -5.69 19.54
CA ASP C 130 -25.86 -5.43 18.55
C ASP C 130 -25.17 -6.62 17.87
N ASP C 131 -25.60 -7.85 18.13
CA ASP C 131 -24.95 -9.02 17.54
C ASP C 131 -24.71 -8.86 16.03
N PRO C 132 -25.77 -8.70 15.21
CA PRO C 132 -25.54 -8.54 13.77
C PRO C 132 -24.50 -7.50 13.35
N ASP C 133 -24.33 -6.46 14.15
CA ASP C 133 -23.37 -5.40 13.79
C ASP C 133 -21.94 -5.74 14.11
N ARG C 134 -21.74 -6.44 15.20
CA ARG C 134 -20.41 -6.80 15.60
C ARG C 134 -19.96 -7.93 14.71
N ILE C 135 -20.87 -8.86 14.45
CA ILE C 135 -20.57 -10.02 13.63
C ILE C 135 -20.31 -9.60 12.19
N LEU C 136 -21.00 -8.56 11.75
CA LEU C 136 -20.84 -8.09 10.40
C LEU C 136 -19.49 -7.50 10.34
N ARG C 137 -19.17 -6.70 11.35
CA ARG C 137 -17.89 -5.99 11.39
C ARG C 137 -16.68 -6.97 11.49
N VAL C 138 -16.87 -8.04 12.24
CA VAL C 138 -15.86 -9.05 12.43
C VAL C 138 -15.60 -9.80 11.11
N ILE C 139 -16.65 -9.97 10.31
CA ILE C 139 -16.54 -10.66 9.04
C ILE C 139 -15.77 -9.85 8.03
N ILE C 140 -15.87 -8.53 8.14
CA ILE C 140 -15.16 -7.60 7.29
C ILE C 140 -13.69 -7.62 7.69
N GLU C 141 -13.44 -7.67 9.00
CA GLU C 141 -12.05 -7.71 9.51
C GLU C 141 -11.34 -9.02 9.05
N ILE C 142 -11.97 -10.16 9.28
CA ILE C 142 -11.41 -11.44 8.94
C ILE C 142 -11.16 -11.63 7.43
N SER C 143 -12.17 -11.28 6.63
CA SER C 143 -12.07 -11.42 5.20
C SER C 143 -11.02 -10.40 4.68
N ARG C 144 -10.86 -9.25 5.36
CA ARG C 144 -9.79 -8.33 4.91
C ARG C 144 -8.41 -8.84 5.21
N ALA C 145 -8.33 -9.48 6.36
CA ALA C 145 -7.05 -9.92 6.86
C ALA C 145 -6.64 -11.20 6.12
N GLY C 146 -7.62 -11.96 5.64
CA GLY C 146 -7.30 -13.16 4.90
C GLY C 146 -7.26 -12.78 3.43
N GLY C 147 -7.40 -11.49 3.10
CA GLY C 147 -7.44 -11.09 1.71
C GLY C 147 -6.19 -10.59 1.03
N PRO C 148 -6.29 -10.13 -0.21
CA PRO C 148 -5.13 -9.64 -0.95
C PRO C 148 -4.26 -8.54 -0.36
N GLU C 149 -4.78 -7.72 0.55
CA GLU C 149 -3.91 -6.70 1.08
C GLU C 149 -3.55 -7.15 2.48
N GLY C 150 -3.96 -8.37 2.80
CA GLY C 150 -3.64 -8.95 4.08
C GLY C 150 -2.65 -10.12 3.99
N MET C 151 -3.02 -11.24 4.59
CA MET C 151 -2.24 -12.47 4.57
C MET C 151 -1.62 -12.81 3.21
N ILE C 152 -2.42 -12.73 2.14
CA ILE C 152 -2.00 -13.00 0.76
C ILE C 152 -0.83 -12.13 0.31
N SER C 153 -0.76 -10.85 0.66
CA SER C 153 0.41 -10.04 0.26
C SER C 153 1.67 -10.60 0.92
N GLY C 154 1.52 -11.12 2.15
CA GLY C 154 2.64 -11.65 2.91
C GLY C 154 3.11 -12.96 2.30
N LEU C 155 2.18 -13.84 1.93
CA LEU C 155 2.47 -15.12 1.27
C LEU C 155 3.11 -14.88 -0.05
N HIS C 156 2.70 -13.82 -0.70
CA HIS C 156 3.21 -13.52 -2.00
C HIS C 156 4.60 -12.99 -1.88
N ARG C 157 4.81 -11.97 -1.03
CA ARG C 157 6.17 -11.40 -0.89
C ARG C 157 7.14 -12.36 -0.25
N GLU C 158 6.59 -13.32 0.47
CA GLU C 158 7.42 -14.34 1.10
C GLU C 158 8.24 -15.11 0.09
N GLU C 159 7.70 -15.29 -1.11
CA GLU C 159 8.41 -16.03 -2.12
C GLU C 159 9.63 -15.39 -2.68
N GLU C 160 9.84 -14.12 -2.40
CA GLU C 160 10.99 -13.44 -2.94
C GLU C 160 12.11 -13.49 -1.92
N ILE C 161 11.87 -14.11 -0.78
CA ILE C 161 12.88 -14.15 0.27
C ILE C 161 13.98 -15.17 -0.08
N VAL C 162 15.23 -14.75 0.01
CA VAL C 162 16.31 -15.67 -0.29
C VAL C 162 17.31 -15.88 0.87
N ASP C 163 17.28 -17.12 1.40
CA ASP C 163 18.15 -17.62 2.47
C ASP C 163 19.33 -16.73 2.89
N GLY C 164 19.23 -16.11 4.08
CA GLY C 164 20.27 -15.22 4.60
C GLY C 164 20.87 -14.35 3.49
N ASN C 165 20.03 -13.56 2.85
CA ASN C 165 20.49 -12.72 1.73
C ASN C 165 19.43 -11.62 1.59
N THR C 166 18.40 -11.78 2.40
CA THR C 166 17.30 -10.88 2.44
C THR C 166 17.43 -10.12 3.73
N SER C 167 17.15 -8.84 3.68
CA SER C 167 17.26 -8.01 4.87
C SER C 167 16.24 -8.27 5.93
N LEU C 168 16.58 -7.92 7.15
CA LEU C 168 15.67 -8.01 8.31
C LEU C 168 14.42 -7.13 8.09
N ASP C 169 14.60 -5.98 7.43
CA ASP C 169 13.51 -5.06 7.14
C ASP C 169 12.44 -5.69 6.24
N PHE C 170 12.91 -6.40 5.21
CA PHE C 170 12.03 -7.07 4.28
C PHE C 170 11.29 -8.23 4.99
N ILE C 171 12.06 -9.07 5.71
CA ILE C 171 11.48 -10.18 6.46
C ILE C 171 10.45 -9.67 7.48
N GLU C 172 10.80 -8.63 8.23
CA GLU C 172 9.85 -8.04 9.20
C GLU C 172 8.52 -7.63 8.46
N TYR C 173 8.66 -7.07 7.26
CA TYR C 173 7.48 -6.72 6.49
C TYR C 173 6.69 -8.00 6.09
N VAL C 174 7.36 -9.00 5.52
CA VAL C 174 6.68 -10.25 5.19
C VAL C 174 5.95 -10.80 6.44
N CYS C 175 6.58 -10.78 7.60
CA CYS C 175 5.91 -11.30 8.83
C CYS C 175 4.77 -10.41 9.30
N LYS C 176 4.90 -9.11 9.05
CA LYS C 176 3.85 -8.17 9.46
C LYS C 176 2.59 -8.50 8.61
N LYS C 177 2.79 -8.68 7.30
CA LYS C 177 1.67 -9.00 6.41
C LYS C 177 1.10 -10.39 6.62
N LYS C 178 2.01 -11.37 6.72
CA LYS C 178 1.66 -12.80 6.87
C LYS C 178 1.06 -13.17 8.23
N TYR C 179 1.64 -12.62 9.30
CA TYR C 179 1.19 -12.89 10.66
C TYR C 179 0.57 -11.64 11.32
N GLY C 180 1.26 -10.50 11.27
CA GLY C 180 0.79 -9.28 11.91
C GLY C 180 -0.66 -8.86 11.75
N GLU C 181 -1.11 -8.77 10.50
CA GLU C 181 -2.45 -8.39 10.20
C GLU C 181 -3.49 -9.37 10.76
N MET C 182 -3.14 -10.64 10.89
CA MET C 182 -4.09 -11.60 11.38
C MET C 182 -4.21 -11.51 12.89
N HIS C 183 -3.07 -11.36 13.55
CA HIS C 183 -3.06 -11.19 14.99
C HIS C 183 -3.85 -9.89 15.38
N ALA C 184 -3.50 -8.78 14.69
CA ALA C 184 -4.17 -7.46 14.81
C ALA C 184 -5.65 -7.71 14.62
N CYS C 185 -6.00 -8.43 13.56
CA CYS C 185 -7.41 -8.73 13.31
C CYS C 185 -8.06 -9.45 14.45
N GLY C 186 -7.29 -10.39 15.04
CA GLY C 186 -7.81 -11.21 16.11
C GLY C 186 -8.07 -10.43 17.41
N ALA C 187 -7.13 -9.57 17.79
CA ALA C 187 -7.27 -8.75 19.00
C ALA C 187 -8.46 -7.80 18.75
N ALA C 188 -8.38 -7.07 17.65
CA ALA C 188 -9.44 -6.18 17.24
C ALA C 188 -10.79 -6.82 17.31
N CYS C 189 -10.96 -8.00 16.71
CA CYS C 189 -12.27 -8.71 16.73
C CYS C 189 -12.75 -9.10 18.10
N GLY C 190 -11.90 -9.74 18.90
CA GLY C 190 -12.28 -10.06 20.27
C GLY C 190 -12.70 -8.73 21.02
N ALA C 191 -11.95 -7.65 20.90
CA ALA C 191 -12.33 -6.42 21.54
C ALA C 191 -13.76 -6.19 21.03
N ILE C 192 -13.94 -5.88 19.75
CA ILE C 192 -15.29 -5.69 19.25
C ILE C 192 -16.35 -6.60 19.88
N LEU C 193 -16.24 -7.91 19.73
CA LEU C 193 -17.22 -8.85 20.26
C LEU C 193 -17.40 -8.72 21.77
N GLY C 194 -16.33 -8.31 22.44
CA GLY C 194 -16.35 -8.12 23.88
C GLY C 194 -16.94 -6.76 24.27
N GLY C 195 -17.51 -6.04 23.33
CA GLY C 195 -18.13 -4.79 23.66
C GLY C 195 -17.27 -3.58 23.80
N ALA C 196 -15.97 -3.73 23.64
CA ALA C 196 -15.08 -2.60 23.82
C ALA C 196 -15.52 -1.35 23.05
N ALA C 197 -14.80 -0.25 23.27
CA ALA C 197 -15.06 1.00 22.60
C ALA C 197 -13.93 1.11 21.59
N GLU C 198 -14.01 2.12 20.71
CA GLU C 198 -13.04 2.28 19.64
C GLU C 198 -11.59 2.51 19.96
N GLU C 199 -11.31 3.22 21.03
CA GLU C 199 -9.93 3.49 21.38
C GLU C 199 -9.24 2.17 21.81
N GLU C 200 -9.93 1.36 22.59
CA GLU C 200 -9.32 0.10 23.03
C GLU C 200 -9.10 -0.79 21.78
N ILE C 201 -10.17 -1.07 21.04
CA ILE C 201 -10.11 -1.82 19.78
C ILE C 201 -8.85 -1.40 19.02
N GLN C 202 -8.66 -0.10 18.82
CA GLN C 202 -7.50 0.37 18.11
C GLN C 202 -6.15 0.07 18.81
N LYS C 203 -6.17 -0.14 20.10
CA LYS C 203 -4.89 -0.42 20.77
C LYS C 203 -4.64 -1.94 20.82
N LEU C 204 -5.70 -2.71 21.02
CA LEU C 204 -5.54 -4.13 21.00
C LEU C 204 -5.13 -4.55 19.55
N ARG C 205 -5.65 -3.83 18.55
CA ARG C 205 -5.35 -4.13 17.18
C ARG C 205 -3.88 -3.83 17.06
N ASN C 206 -3.46 -2.64 17.50
CA ASN C 206 -2.05 -2.30 17.37
C ASN C 206 -1.11 -3.27 18.08
N PHE C 207 -1.56 -3.74 19.23
CA PHE C 207 -0.86 -4.76 20.01
C PHE C 207 -0.70 -6.06 19.13
N GLY C 208 -1.86 -6.54 18.64
CA GLY C 208 -1.93 -7.72 17.80
C GLY C 208 -0.93 -7.61 16.67
N LEU C 209 -0.91 -6.43 16.05
CA LEU C 209 -0.02 -6.17 14.96
C LEU C 209 1.44 -6.46 15.36
N TYR C 210 1.90 -5.78 16.41
CA TYR C 210 3.29 -5.94 16.88
C TYR C 210 3.62 -7.35 17.33
N GLN C 211 2.72 -7.94 18.11
CA GLN C 211 2.90 -9.29 18.60
C GLN C 211 2.97 -10.32 17.46
N GLY C 212 2.02 -10.24 16.54
CA GLY C 212 1.99 -11.13 15.41
C GLY C 212 3.27 -10.99 14.62
N THR C 213 3.65 -9.73 14.40
CA THR C 213 4.87 -9.47 13.64
C THR C 213 6.09 -10.10 14.33
N LEU C 214 6.13 -9.92 15.64
CA LEU C 214 7.21 -10.42 16.50
C LEU C 214 7.25 -11.96 16.47
N ARG C 215 6.08 -12.58 16.55
CA ARG C 215 5.94 -14.00 16.52
C ARG C 215 6.39 -14.58 15.13
N GLY C 216 6.04 -13.92 14.03
CA GLY C 216 6.45 -14.43 12.76
C GLY C 216 7.96 -14.37 12.70
N MET C 217 8.54 -13.34 13.32
CA MET C 217 10.01 -13.17 13.31
C MET C 217 10.65 -14.34 14.04
N MET C 218 10.06 -14.70 15.18
CA MET C 218 10.53 -15.84 15.98
C MET C 218 10.44 -17.10 15.14
N GLU C 219 9.34 -17.29 14.42
CA GLU C 219 9.22 -18.48 13.59
C GLU C 219 10.11 -18.51 12.34
N MET C 220 10.84 -17.44 12.09
CA MET C 220 11.72 -17.46 10.92
C MET C 220 13.17 -17.41 11.37
N LYS C 221 13.41 -17.20 12.67
CA LYS C 221 14.78 -17.13 13.20
C LYS C 221 15.40 -18.52 13.17
N ASN C 222 14.60 -19.50 12.73
CA ASN C 222 15.01 -20.91 12.63
C ASN C 222 15.20 -21.28 11.15
N SER C 223 15.19 -20.26 10.29
CA SER C 223 15.31 -20.41 8.84
C SER C 223 16.25 -19.35 8.23
N HIS C 224 16.50 -18.28 8.98
CA HIS C 224 17.36 -17.18 8.54
C HIS C 224 18.09 -16.55 9.72
N GLN C 225 18.90 -17.35 10.41
CA GLN C 225 19.63 -16.87 11.57
C GLN C 225 20.24 -15.47 11.33
N LEU C 226 19.88 -14.52 12.20
CA LEU C 226 20.34 -13.15 12.10
C LEU C 226 19.53 -12.27 13.05
N ILE C 227 18.35 -12.76 13.42
CA ILE C 227 17.41 -12.05 14.30
C ILE C 227 18.05 -11.26 15.45
N ASP C 228 18.51 -10.05 15.14
CA ASP C 228 19.13 -9.22 16.16
C ASP C 228 18.08 -8.86 17.21
N GLU C 229 18.45 -9.08 18.48
CA GLU C 229 17.58 -8.80 19.61
C GLU C 229 17.13 -7.34 19.65
N ASN C 230 17.54 -6.61 18.62
CA ASN C 230 17.18 -5.20 18.48
C ASN C 230 15.79 -5.13 17.87
N ILE C 231 15.54 -6.02 16.90
CA ILE C 231 14.24 -6.06 16.25
C ILE C 231 13.23 -6.50 17.26
N ILE C 232 13.52 -7.63 17.91
CA ILE C 232 12.66 -8.17 18.98
C ILE C 232 12.36 -7.10 20.06
N GLY C 233 13.42 -6.46 20.57
CA GLY C 233 13.26 -5.42 21.57
C GLY C 233 12.32 -4.40 21.00
N LYS C 234 12.55 -3.98 19.75
CA LYS C 234 11.69 -3.02 19.07
C LYS C 234 10.21 -3.37 19.06
N LEU C 235 9.88 -4.57 18.56
CA LEU C 235 8.47 -5.00 18.47
C LEU C 235 7.88 -5.17 19.84
N LYS C 236 8.69 -5.72 20.73
CA LYS C 236 8.27 -5.97 22.10
C LYS C 236 7.86 -4.66 22.79
N GLU C 237 8.70 -3.62 22.68
CA GLU C 237 8.42 -2.31 23.24
C GLU C 237 7.11 -1.76 22.61
N LEU C 238 7.08 -1.70 21.29
CA LEU C 238 5.91 -1.21 20.58
C LEU C 238 4.63 -1.86 21.06
N ALA C 239 4.69 -3.16 21.35
CA ALA C 239 3.51 -3.88 21.76
C ALA C 239 3.00 -3.52 23.13
N LEU C 240 3.90 -3.53 24.11
CA LEU C 240 3.58 -3.24 25.52
C LEU C 240 3.03 -1.83 25.67
N GLU C 241 3.62 -0.92 24.91
CA GLU C 241 3.18 0.46 24.90
C GLU C 241 1.69 0.50 24.56
N GLU C 242 1.31 -0.13 23.44
CA GLU C 242 -0.07 -0.17 23.05
C GLU C 242 -0.92 -0.70 24.21
N LEU C 243 -0.44 -1.76 24.82
CA LEU C 243 -1.15 -2.35 25.92
C LEU C 243 -1.45 -1.42 27.08
N GLY C 244 -0.57 -0.45 27.31
CA GLY C 244 -0.77 0.49 28.40
C GLY C 244 -2.20 1.00 28.53
N GLY C 245 -2.69 0.97 29.76
CA GLY C 245 -4.05 1.43 30.03
C GLY C 245 -5.06 0.34 30.29
N PHE C 246 -4.63 -0.91 30.40
CA PHE C 246 -5.59 -1.99 30.62
C PHE C 246 -5.56 -2.66 31.97
N HIS C 247 -4.80 -2.10 32.89
CA HIS C 247 -4.64 -2.58 34.28
C HIS C 247 -5.67 -3.62 34.77
N GLY C 248 -5.16 -4.68 35.38
CA GLY C 248 -6.02 -5.71 35.89
C GLY C 248 -5.36 -7.08 35.89
N LYS C 249 -6.13 -8.08 36.32
CA LYS C 249 -5.71 -9.49 36.36
C LYS C 249 -5.52 -9.96 34.92
N ASN C 250 -6.62 -9.94 34.18
CA ASN C 250 -6.64 -10.35 32.77
C ASN C 250 -5.60 -9.59 31.93
N ALA C 251 -5.39 -8.31 32.25
CA ALA C 251 -4.43 -7.48 31.52
C ALA C 251 -3.00 -8.01 31.70
N GLU C 252 -2.76 -8.57 32.89
CA GLU C 252 -1.47 -9.13 33.25
C GLU C 252 -1.12 -10.19 32.19
N LEU C 253 -2.08 -11.09 31.98
CA LEU C 253 -2.00 -12.20 31.02
C LEU C 253 -1.64 -11.76 29.60
N MET C 254 -2.39 -10.80 29.09
CA MET C 254 -2.16 -10.28 27.76
C MET C 254 -0.67 -9.98 27.58
N SER C 255 -0.14 -9.01 28.33
CA SER C 255 1.27 -8.66 28.24
C SER C 255 2.19 -9.86 28.35
N SER C 256 1.75 -10.94 28.99
CA SER C 256 2.59 -12.13 29.10
C SER C 256 2.90 -12.70 27.68
N LEU C 257 1.88 -12.75 26.82
CA LEU C 257 2.05 -13.25 25.46
C LEU C 257 3.32 -12.68 24.81
N VAL C 258 3.41 -11.35 24.83
CA VAL C 258 4.54 -10.59 24.27
C VAL C 258 5.83 -10.70 25.07
N ALA C 259 5.73 -10.55 26.38
CA ALA C 259 6.90 -10.61 27.23
C ALA C 259 6.67 -11.69 28.30
N GLU C 260 7.45 -12.78 28.25
CA GLU C 260 7.31 -13.88 29.22
C GLU C 260 7.47 -13.40 30.68
N PRO C 261 6.66 -13.95 31.62
CA PRO C 261 6.80 -13.51 33.02
C PRO C 261 8.06 -14.15 33.62
N SER C 262 8.55 -13.60 34.73
CA SER C 262 9.74 -14.16 35.40
C SER C 262 9.44 -15.54 36.02
N LEU C 263 10.12 -16.59 35.52
CA LEU C 263 9.91 -17.94 36.04
C LEU C 263 11.24 -18.55 36.51
N TYR C 264 11.17 -19.37 37.56
CA TYR C 264 12.33 -20.04 38.10
C TYR C 264 12.89 -21.07 37.13
N ALA C 265 12.02 -21.68 36.33
CA ALA C 265 12.39 -22.73 35.36
C ALA C 265 13.37 -22.27 34.25
N ALA C 266 13.32 -20.97 33.94
CA ALA C 266 14.14 -20.33 32.93
C ALA C 266 15.52 -19.93 33.46
N HIS C 267 15.63 -19.78 34.78
CA HIS C 267 16.89 -19.41 35.47
C HIS C 267 17.63 -20.69 35.88
N HIS C 268 16.84 -21.70 36.25
CA HIS C 268 17.33 -23.01 36.63
C HIS C 268 18.01 -23.67 35.41
N HIS C 269 17.48 -23.45 34.22
CA HIS C 269 18.07 -24.00 33.01
C HIS C 269 19.48 -23.42 32.82
N HIS C 270 19.54 -22.10 32.59
CA HIS C 270 20.79 -21.37 32.35
C HIS C 270 21.83 -21.46 33.48
N HIS C 271 21.41 -21.91 34.66
CA HIS C 271 22.31 -22.08 35.81
C HIS C 271 22.85 -23.52 35.87
N MET D 1 -44.19 -8.42 -25.31
CA MET D 1 -43.11 -9.44 -25.41
C MET D 1 -41.96 -8.99 -24.48
N PHE D 2 -41.11 -9.97 -24.12
CA PHE D 2 -39.94 -9.75 -23.25
C PHE D 2 -38.70 -9.99 -24.06
N ASP D 3 -37.91 -8.93 -24.22
CA ASP D 3 -36.71 -8.98 -24.99
C ASP D 3 -35.58 -9.47 -24.09
N PHE D 4 -35.48 -10.81 -23.95
CA PHE D 4 -34.45 -11.44 -23.15
C PHE D 4 -33.01 -11.10 -23.56
N ASP D 5 -32.71 -11.01 -24.86
CA ASP D 5 -31.37 -10.71 -25.31
C ASP D 5 -30.93 -9.33 -24.88
N GLY D 6 -31.80 -8.34 -25.03
CA GLY D 6 -31.44 -6.98 -24.63
C GLY D 6 -31.24 -6.81 -23.11
N TYR D 7 -32.14 -7.45 -22.33
CA TYR D 7 -32.15 -7.46 -20.87
C TYR D 7 -30.80 -7.93 -20.29
N MET D 8 -30.32 -9.06 -20.81
CA MET D 8 -29.03 -9.67 -20.42
C MET D 8 -27.83 -8.79 -20.77
N LEU D 9 -27.81 -8.22 -21.97
CA LEU D 9 -26.70 -7.41 -22.36
C LEU D 9 -26.57 -6.32 -21.37
N ARG D 10 -27.71 -5.74 -21.04
CA ARG D 10 -27.74 -4.64 -20.11
C ARG D 10 -27.36 -5.10 -18.71
N LYS D 11 -27.85 -6.24 -18.25
CA LYS D 11 -27.43 -6.71 -16.91
C LYS D 11 -25.92 -6.98 -16.86
N ALA D 12 -25.44 -7.79 -17.79
CA ALA D 12 -24.00 -8.12 -17.97
C ALA D 12 -23.15 -6.84 -18.08
N LYS D 13 -23.66 -5.89 -18.85
CA LYS D 13 -22.93 -4.65 -19.04
C LYS D 13 -22.80 -4.01 -17.67
N SER D 14 -23.90 -4.00 -16.92
CA SER D 14 -23.89 -3.38 -15.61
C SER D 14 -23.01 -4.14 -14.58
N VAL D 15 -23.11 -5.46 -14.59
CA VAL D 15 -22.29 -6.30 -13.75
C VAL D 15 -20.80 -6.14 -14.07
N ASN D 16 -20.39 -6.19 -15.35
CA ASN D 16 -18.95 -5.99 -15.71
C ASN D 16 -18.36 -4.63 -15.20
N LYS D 17 -19.21 -3.60 -15.28
CA LYS D 17 -18.80 -2.30 -14.83
C LYS D 17 -18.54 -2.33 -13.31
N ALA D 18 -19.37 -3.02 -12.54
CA ALA D 18 -19.19 -3.12 -11.12
C ALA D 18 -17.98 -4.03 -10.72
N LEU D 19 -17.70 -5.06 -11.53
CA LEU D 19 -16.59 -5.93 -11.24
C LEU D 19 -15.33 -5.15 -11.50
N GLU D 20 -15.27 -4.43 -12.60
CA GLU D 20 -14.03 -3.69 -12.89
C GLU D 20 -13.80 -2.66 -11.77
N ALA D 21 -14.86 -2.05 -11.26
CA ALA D 21 -14.66 -1.04 -10.25
C ALA D 21 -14.29 -1.69 -8.96
N ALA D 22 -14.81 -2.87 -8.67
CA ALA D 22 -14.51 -3.47 -7.36
C ALA D 22 -13.13 -4.09 -7.17
N VAL D 23 -12.44 -4.43 -8.27
CA VAL D 23 -11.12 -5.02 -8.24
C VAL D 23 -10.19 -4.27 -9.14
N GLN D 24 -9.59 -3.27 -8.53
CA GLN D 24 -8.65 -2.35 -9.17
C GLN D 24 -7.25 -2.89 -9.03
N MET D 25 -6.31 -2.33 -9.76
CA MET D 25 -4.92 -2.75 -9.68
C MET D 25 -4.39 -1.98 -8.50
N LYS D 26 -3.58 -2.63 -7.69
CA LYS D 26 -2.96 -1.99 -6.57
C LYS D 26 -1.94 -3.01 -6.14
N GLU D 27 -1.10 -2.60 -5.22
CA GLU D 27 -0.05 -3.43 -4.70
C GLU D 27 -0.66 -4.50 -3.80
N PRO D 28 -0.20 -5.77 -3.91
CA PRO D 28 0.85 -6.24 -4.84
C PRO D 28 0.17 -6.37 -6.19
N LEU D 29 0.79 -5.75 -7.19
CA LEU D 29 0.31 -5.68 -8.55
C LEU D 29 0.03 -7.01 -9.26
N LYS D 30 0.97 -7.95 -9.20
CA LYS D 30 0.78 -9.27 -9.81
C LYS D 30 -0.46 -10.01 -9.26
N ILE D 31 -0.68 -9.98 -7.96
CA ILE D 31 -1.84 -10.61 -7.37
C ILE D 31 -3.08 -9.91 -7.95
N HIS D 32 -3.11 -8.58 -7.95
CA HIS D 32 -4.30 -7.99 -8.50
C HIS D 32 -4.47 -8.16 -10.01
N GLU D 33 -3.36 -8.23 -10.75
CA GLU D 33 -3.44 -8.42 -12.19
C GLU D 33 -4.06 -9.76 -12.48
N SER D 34 -3.57 -10.79 -11.81
CA SER D 34 -4.13 -12.15 -11.92
C SER D 34 -5.66 -12.19 -11.58
N MET D 35 -6.06 -11.58 -10.46
CA MET D 35 -7.49 -11.56 -10.10
C MET D 35 -8.30 -10.98 -11.20
N ARG D 36 -7.83 -9.86 -11.73
CA ARG D 36 -8.52 -9.18 -12.82
C ARG D 36 -8.47 -9.91 -14.17
N TYR D 37 -7.34 -10.56 -14.48
CA TYR D 37 -7.21 -11.29 -15.74
C TYR D 37 -8.29 -12.33 -15.88
N SER D 38 -8.65 -13.03 -14.81
CA SER D 38 -9.71 -14.05 -14.92
C SER D 38 -11.07 -13.49 -14.58
N LEU D 39 -11.15 -12.43 -13.77
CA LEU D 39 -12.48 -11.97 -13.40
C LEU D 39 -13.09 -11.18 -14.51
N LEU D 40 -12.32 -10.35 -15.16
CA LEU D 40 -12.92 -9.57 -16.20
C LEU D 40 -12.67 -10.15 -17.58
N ALA D 41 -12.41 -11.45 -17.69
CA ALA D 41 -12.16 -12.07 -19.00
C ALA D 41 -13.41 -12.27 -19.83
N GLY D 42 -14.55 -11.75 -19.40
CA GLY D 42 -15.71 -11.98 -20.23
C GLY D 42 -16.27 -13.33 -19.83
N GLY D 43 -17.58 -13.45 -19.90
CA GLY D 43 -18.25 -14.66 -19.48
C GLY D 43 -19.67 -14.21 -19.53
N LYS D 44 -20.59 -15.14 -19.34
CA LYS D 44 -22.00 -14.79 -19.44
C LYS D 44 -22.62 -14.07 -18.25
N ARG D 45 -22.02 -14.17 -17.06
CA ARG D 45 -22.48 -13.52 -15.81
C ARG D 45 -23.88 -13.98 -15.41
N VAL D 46 -24.14 -15.26 -15.68
CA VAL D 46 -25.39 -15.92 -15.34
C VAL D 46 -25.67 -15.88 -13.79
N ARG D 47 -24.63 -16.16 -13.00
CA ARG D 47 -24.78 -16.18 -11.56
C ARG D 47 -25.10 -14.75 -11.06
N PRO D 48 -24.30 -13.75 -11.48
CA PRO D 48 -24.67 -12.41 -11.01
C PRO D 48 -26.07 -12.03 -11.56
N MET D 49 -26.42 -12.49 -12.76
CA MET D 49 -27.78 -12.14 -13.25
C MET D 49 -28.86 -12.86 -12.49
N LEU D 50 -28.63 -14.09 -12.07
CA LEU D 50 -29.65 -14.78 -11.31
C LEU D 50 -29.88 -14.00 -10.01
N CYS D 51 -28.79 -13.56 -9.42
CA CYS D 51 -28.82 -12.86 -8.16
C CYS D 51 -29.67 -11.62 -8.27
N ILE D 52 -29.32 -10.78 -9.25
CA ILE D 52 -30.05 -9.54 -9.46
C ILE D 52 -31.53 -9.74 -9.87
N ALA D 53 -31.80 -10.80 -10.61
CA ALA D 53 -33.16 -10.98 -11.03
C ALA D 53 -34.04 -11.37 -9.80
N ALA D 54 -33.54 -12.28 -8.96
CA ALA D 54 -34.26 -12.72 -7.77
C ALA D 54 -34.52 -11.54 -6.81
N CYS D 55 -33.54 -10.67 -6.64
CA CYS D 55 -33.73 -9.52 -5.75
C CYS D 55 -34.86 -8.63 -6.32
N GLU D 56 -34.75 -8.33 -7.62
CA GLU D 56 -35.73 -7.49 -8.32
C GLU D 56 -37.14 -8.14 -8.28
N LEU D 57 -37.19 -9.44 -8.55
CA LEU D 57 -38.44 -10.19 -8.55
C LEU D 57 -39.24 -9.97 -7.24
N VAL D 58 -38.59 -10.04 -6.10
CA VAL D 58 -39.30 -9.88 -4.85
C VAL D 58 -39.51 -8.43 -4.38
N GLY D 59 -39.12 -7.42 -5.14
CA GLY D 59 -39.34 -6.04 -4.73
C GLY D 59 -38.12 -5.14 -4.56
N GLY D 60 -36.91 -5.69 -4.47
CA GLY D 60 -35.73 -4.86 -4.30
C GLY D 60 -35.09 -4.35 -5.57
N ASP D 61 -33.98 -3.65 -5.44
CA ASP D 61 -33.35 -3.19 -6.66
C ASP D 61 -31.91 -3.63 -6.88
N GLU D 62 -31.48 -3.39 -8.08
CA GLU D 62 -30.18 -3.76 -8.46
C GLU D 62 -29.12 -3.31 -7.50
N SER D 63 -29.04 -2.02 -7.24
CA SER D 63 -27.99 -1.53 -6.37
C SER D 63 -27.79 -2.39 -5.11
N THR D 64 -28.86 -2.83 -4.45
CA THR D 64 -28.71 -3.65 -3.22
C THR D 64 -28.09 -5.03 -3.53
N ALA D 65 -28.45 -5.57 -4.69
CA ALA D 65 -27.97 -6.87 -5.07
C ALA D 65 -26.58 -6.84 -5.68
N MET D 66 -26.14 -5.70 -6.21
CA MET D 66 -24.89 -5.71 -6.93
C MET D 66 -23.66 -6.25 -6.20
N PRO D 67 -23.44 -5.87 -4.93
CA PRO D 67 -22.23 -6.41 -4.30
C PRO D 67 -22.27 -7.97 -4.20
N ALA D 68 -23.43 -8.54 -3.90
CA ALA D 68 -23.49 -9.98 -3.78
C ALA D 68 -23.34 -10.62 -5.15
N ALA D 69 -23.95 -9.99 -6.15
CA ALA D 69 -23.93 -10.40 -7.51
C ALA D 69 -22.45 -10.46 -7.97
N CYS D 70 -21.67 -9.47 -7.60
CA CYS D 70 -20.25 -9.53 -7.95
C CYS D 70 -19.53 -10.61 -7.13
N ALA D 71 -19.95 -10.75 -5.88
CA ALA D 71 -19.30 -11.72 -5.01
C ALA D 71 -19.44 -13.17 -5.53
N VAL D 72 -20.62 -13.55 -6.05
CA VAL D 72 -20.83 -14.89 -6.58
C VAL D 72 -20.02 -15.05 -7.93
N GLU D 73 -19.85 -13.96 -8.64
CA GLU D 73 -19.07 -14.02 -9.85
C GLU D 73 -17.62 -14.17 -9.46
N MET D 74 -17.23 -13.59 -8.32
CA MET D 74 -15.85 -13.70 -7.87
C MET D 74 -15.53 -15.12 -7.42
N ILE D 75 -16.42 -15.73 -6.65
CA ILE D 75 -16.21 -17.08 -6.20
C ILE D 75 -16.26 -17.99 -7.43
N HIS D 76 -17.18 -17.73 -8.36
CA HIS D 76 -17.27 -18.54 -9.57
C HIS D 76 -15.93 -18.49 -10.29
N THR D 77 -15.38 -17.27 -10.44
CA THR D 77 -14.12 -17.08 -11.09
C THR D 77 -12.94 -17.82 -10.41
N MET D 78 -12.84 -17.73 -9.08
CA MET D 78 -11.70 -18.40 -8.41
C MET D 78 -11.82 -19.95 -8.49
N SER D 79 -13.04 -20.40 -8.61
CA SER D 79 -13.40 -21.78 -8.72
C SER D 79 -12.85 -22.31 -10.05
N LEU D 80 -12.97 -21.54 -11.12
CA LEU D 80 -12.44 -21.99 -12.40
C LEU D 80 -10.89 -21.95 -12.45
N MET D 81 -10.30 -20.89 -11.89
CA MET D 81 -8.86 -20.70 -11.81
C MET D 81 -8.27 -21.86 -11.04
N HIS D 82 -8.95 -22.28 -9.97
CA HIS D 82 -8.42 -23.37 -9.20
C HIS D 82 -8.62 -24.72 -9.90
N ASP D 83 -9.75 -24.87 -10.58
CA ASP D 83 -10.04 -26.07 -11.31
C ASP D 83 -9.08 -26.22 -12.52
N ASP D 84 -8.64 -25.13 -13.10
CA ASP D 84 -7.75 -25.25 -14.27
C ASP D 84 -6.33 -25.72 -13.99
N LEU D 85 -5.93 -25.65 -12.71
CA LEU D 85 -4.59 -26.01 -12.30
C LEU D 85 -4.20 -27.45 -12.65
N PRO D 86 -2.90 -27.67 -12.90
CA PRO D 86 -2.31 -28.98 -13.23
C PRO D 86 -2.76 -30.10 -12.30
N CYS D 87 -2.84 -29.82 -11.00
CA CYS D 87 -3.28 -30.84 -10.05
C CYS D 87 -4.77 -31.11 -10.16
N MET D 88 -5.46 -30.30 -10.98
CA MET D 88 -6.91 -30.48 -11.15
C MET D 88 -7.22 -30.88 -12.62
N ASP D 89 -7.78 -29.98 -13.43
CA ASP D 89 -8.11 -30.34 -14.79
C ASP D 89 -6.95 -30.03 -15.69
N ASN D 90 -5.99 -29.31 -15.17
CA ASN D 90 -4.81 -29.01 -15.94
C ASN D 90 -5.11 -28.51 -17.37
N ASP D 91 -5.78 -27.35 -17.43
CA ASP D 91 -6.19 -26.62 -18.65
C ASP D 91 -5.22 -25.47 -19.01
N ASP D 92 -4.90 -25.35 -20.29
CA ASP D 92 -3.98 -24.32 -20.77
C ASP D 92 -4.72 -23.14 -21.35
N LEU D 93 -5.98 -23.33 -21.69
CA LEU D 93 -6.75 -22.26 -22.29
C LEU D 93 -8.17 -22.19 -21.71
N ARG D 94 -8.76 -21.00 -21.70
CA ARG D 94 -10.10 -20.80 -21.16
C ARG D 94 -10.72 -19.43 -21.48
N ARG D 95 -11.72 -19.42 -22.37
CA ARG D 95 -12.34 -18.16 -22.75
C ARG D 95 -11.45 -17.66 -23.88
N GLY D 96 -10.89 -18.61 -24.63
CA GLY D 96 -10.02 -18.27 -25.75
C GLY D 96 -8.58 -17.91 -25.37
N LYS D 97 -8.32 -17.62 -24.08
CA LYS D 97 -6.96 -17.28 -23.74
C LYS D 97 -6.26 -18.20 -22.77
N PRO D 98 -4.93 -18.04 -22.65
CA PRO D 98 -4.24 -18.92 -21.71
C PRO D 98 -4.83 -18.81 -20.25
N THR D 99 -4.93 -20.00 -19.62
CA THR D 99 -5.43 -20.09 -18.29
C THR D 99 -4.57 -19.22 -17.34
N ASN D 100 -5.12 -18.89 -16.17
CA ASN D 100 -4.41 -18.03 -15.21
C ASN D 100 -2.98 -18.46 -14.86
N HIS D 101 -2.84 -19.71 -14.48
CA HIS D 101 -1.52 -20.18 -14.10
C HIS D 101 -0.55 -20.14 -15.24
N MET D 102 -1.02 -20.28 -16.49
CA MET D 102 -0.14 -20.17 -17.65
C MET D 102 0.36 -18.73 -17.73
N ALA D 103 -0.51 -17.75 -17.53
CA ALA D 103 -0.07 -16.33 -17.58
C ALA D 103 0.74 -15.88 -16.40
N PHE D 104 0.43 -16.43 -15.21
CA PHE D 104 1.13 -15.95 -14.03
C PHE D 104 1.90 -16.93 -13.18
N GLY D 105 1.80 -18.24 -13.45
CA GLY D 105 2.48 -19.19 -12.63
C GLY D 105 1.46 -19.70 -11.66
N GLU D 106 1.69 -20.91 -11.14
CA GLU D 106 0.71 -21.51 -10.25
C GLU D 106 0.58 -20.89 -8.91
N SER D 107 1.68 -20.34 -8.43
CA SER D 107 1.63 -19.79 -7.09
C SER D 107 0.63 -18.61 -7.01
N VAL D 108 0.69 -17.76 -8.00
CA VAL D 108 -0.11 -16.56 -8.11
C VAL D 108 -1.54 -16.87 -8.38
N ALA D 109 -1.77 -17.86 -9.27
CA ALA D 109 -3.12 -18.28 -9.58
C ALA D 109 -3.77 -18.81 -8.33
N VAL D 110 -3.04 -19.54 -7.49
CA VAL D 110 -3.65 -20.06 -6.30
C VAL D 110 -4.02 -18.89 -5.34
N LEU D 111 -3.05 -17.99 -5.15
CA LEU D 111 -3.13 -16.85 -4.26
C LEU D 111 -4.24 -15.91 -4.64
N ALA D 112 -4.27 -15.53 -5.92
CA ALA D 112 -5.28 -14.70 -6.51
C ALA D 112 -6.63 -15.36 -6.43
N GLY D 113 -6.68 -16.68 -6.40
CA GLY D 113 -7.92 -17.37 -6.32
C GLY D 113 -8.37 -17.14 -4.88
N ASP D 114 -7.48 -17.46 -3.96
CA ASP D 114 -7.80 -17.27 -2.55
C ASP D 114 -8.26 -15.81 -2.29
N ALA D 115 -7.67 -14.84 -2.99
CA ALA D 115 -7.97 -13.41 -2.81
C ALA D 115 -9.44 -13.14 -3.24
N LEU D 116 -9.81 -13.61 -4.43
CA LEU D 116 -11.17 -13.43 -4.87
C LEU D 116 -12.16 -14.06 -3.88
N LEU D 117 -11.80 -15.22 -3.30
CA LEU D 117 -12.72 -15.89 -2.40
C LEU D 117 -12.97 -15.08 -1.10
N SER D 118 -11.92 -14.53 -0.56
CA SER D 118 -11.97 -13.74 0.66
C SER D 118 -12.71 -12.40 0.39
N PHE D 119 -12.21 -11.68 -0.60
CA PHE D 119 -12.75 -10.43 -1.03
C PHE D 119 -14.26 -10.58 -1.41
N ALA D 120 -14.73 -11.76 -1.77
CA ALA D 120 -16.15 -11.85 -2.10
C ALA D 120 -16.94 -11.59 -0.81
N PHE D 121 -16.45 -12.14 0.28
CA PHE D 121 -17.09 -11.90 1.56
C PHE D 121 -16.93 -10.44 2.02
N GLU D 122 -15.76 -9.84 1.77
CA GLU D 122 -15.51 -8.48 2.21
C GLU D 122 -16.48 -7.57 1.49
N HIS D 123 -16.57 -7.76 0.19
CA HIS D 123 -17.41 -6.92 -0.63
C HIS D 123 -18.91 -6.91 -0.21
N VAL D 124 -19.56 -8.06 -0.14
CA VAL D 124 -20.96 -8.15 0.23
C VAL D 124 -21.11 -7.54 1.63
N ALA D 125 -20.30 -7.97 2.59
CA ALA D 125 -20.36 -7.47 3.94
C ALA D 125 -20.26 -5.93 4.12
N ALA D 126 -19.31 -5.31 3.42
CA ALA D 126 -19.05 -3.89 3.51
C ALA D 126 -19.64 -2.97 2.46
N ALA D 127 -20.05 -3.48 1.31
CA ALA D 127 -20.55 -2.56 0.33
C ALA D 127 -22.06 -2.66 0.13
N THR D 128 -22.70 -3.67 0.73
CA THR D 128 -24.13 -3.81 0.59
C THR D 128 -24.87 -2.71 1.38
N LYS D 129 -25.49 -1.81 0.64
CA LYS D 129 -26.28 -0.74 1.21
C LYS D 129 -27.72 -1.09 0.84
N GLY D 130 -28.66 -0.89 1.77
CA GLY D 130 -30.07 -1.15 1.46
C GLY D 130 -30.67 -2.39 2.06
N ALA D 131 -30.03 -2.91 3.13
CA ALA D 131 -30.48 -4.10 3.82
C ALA D 131 -29.90 -4.00 5.20
N PRO D 132 -30.71 -4.32 6.24
CA PRO D 132 -30.16 -4.23 7.60
C PRO D 132 -29.04 -5.29 7.81
N PRO D 133 -28.18 -5.02 8.78
CA PRO D 133 -27.06 -5.87 9.16
C PRO D 133 -27.37 -7.33 9.32
N GLU D 134 -28.49 -7.69 9.92
CA GLU D 134 -28.79 -9.10 10.13
C GLU D 134 -29.24 -9.78 8.87
N ARG D 135 -29.67 -8.98 7.91
CA ARG D 135 -30.09 -9.53 6.65
C ARG D 135 -28.75 -9.87 5.92
N ILE D 136 -27.83 -8.92 5.95
CA ILE D 136 -26.54 -9.11 5.34
C ILE D 136 -25.81 -10.36 5.94
N VAL D 137 -25.75 -10.41 7.26
CA VAL D 137 -25.12 -11.55 7.90
C VAL D 137 -25.68 -12.88 7.40
N ARG D 138 -26.99 -12.92 7.23
CA ARG D 138 -27.71 -14.10 6.81
C ARG D 138 -27.36 -14.51 5.36
N VAL D 139 -27.16 -13.50 4.54
CA VAL D 139 -26.79 -13.63 3.16
C VAL D 139 -25.36 -14.23 3.17
N LEU D 140 -24.48 -13.75 4.05
CA LEU D 140 -23.12 -14.27 4.07
C LEU D 140 -23.12 -15.75 4.46
N GLY D 141 -23.98 -16.09 5.43
CA GLY D 141 -24.10 -17.48 5.83
C GLY D 141 -24.66 -18.32 4.69
N GLU D 142 -25.59 -17.76 3.92
CA GLU D 142 -26.14 -18.50 2.82
C GLU D 142 -25.05 -18.74 1.77
N LEU D 143 -24.20 -17.74 1.57
CA LEU D 143 -23.13 -17.88 0.57
C LEU D 143 -22.10 -18.88 1.06
N ALA D 144 -21.83 -18.83 2.35
CA ALA D 144 -20.86 -19.74 2.93
C ALA D 144 -21.30 -21.19 2.70
N VAL D 145 -22.54 -21.50 3.09
CA VAL D 145 -23.09 -22.84 2.95
C VAL D 145 -23.15 -23.34 1.51
N SER D 146 -23.44 -22.46 0.58
CA SER D 146 -23.55 -22.88 -0.79
C SER D 146 -22.20 -23.14 -1.42
N ILE D 147 -21.11 -22.56 -0.90
CA ILE D 147 -19.82 -22.84 -1.52
C ILE D 147 -18.94 -23.75 -0.67
N GLY D 148 -19.46 -24.14 0.48
CA GLY D 148 -18.69 -24.98 1.36
C GLY D 148 -18.64 -26.45 1.04
N SER D 149 -18.27 -27.22 2.08
CA SER D 149 -18.17 -28.68 1.98
C SER D 149 -19.55 -29.37 1.89
N GLU D 150 -20.59 -28.55 1.91
CA GLU D 150 -21.96 -28.99 1.74
C GLU D 150 -22.39 -28.24 0.48
N GLY D 151 -21.45 -28.00 -0.42
CA GLY D 151 -21.83 -27.24 -1.60
C GLY D 151 -20.90 -27.38 -2.77
N LEU D 152 -20.60 -26.24 -3.41
CA LEU D 152 -19.71 -26.21 -4.57
C LEU D 152 -18.47 -27.05 -4.35
N VAL D 153 -17.76 -26.76 -3.25
CA VAL D 153 -16.53 -27.46 -2.90
C VAL D 153 -16.77 -28.95 -2.68
N ALA D 154 -17.85 -29.29 -1.97
CA ALA D 154 -18.18 -30.70 -1.72
C ALA D 154 -18.28 -31.47 -3.06
N GLY D 155 -19.03 -30.88 -4.01
CA GLY D 155 -19.25 -31.50 -5.31
C GLY D 155 -17.96 -31.84 -6.00
N GLN D 156 -17.13 -30.82 -6.11
CA GLN D 156 -15.81 -30.91 -6.73
C GLN D 156 -14.93 -32.05 -6.19
N VAL D 157 -14.85 -32.15 -4.86
CA VAL D 157 -14.06 -33.17 -4.13
C VAL D 157 -14.64 -34.59 -4.24
N VAL D 158 -15.96 -34.71 -4.31
CA VAL D 158 -16.58 -36.03 -4.46
C VAL D 158 -16.37 -36.50 -5.91
N ASP D 159 -16.06 -35.53 -6.79
CA ASP D 159 -15.83 -35.74 -8.22
C ASP D 159 -14.41 -36.21 -8.56
N VAL D 160 -13.42 -35.65 -7.86
CA VAL D 160 -11.99 -35.96 -8.03
C VAL D 160 -11.66 -37.28 -7.35
N CYS D 161 -12.27 -37.50 -6.17
CA CYS D 161 -12.08 -38.72 -5.38
C CYS D 161 -13.03 -39.82 -5.83
N SER D 162 -13.23 -39.90 -7.15
CA SER D 162 -14.12 -40.88 -7.77
C SER D 162 -13.98 -40.69 -9.29
N GLU D 163 -12.78 -40.30 -9.71
CA GLU D 163 -12.41 -40.06 -11.11
C GLU D 163 -11.82 -41.32 -11.75
N GLY D 164 -12.38 -42.46 -11.35
CA GLY D 164 -11.95 -43.77 -11.83
C GLY D 164 -12.87 -44.84 -11.26
N MET D 165 -14.16 -44.53 -11.26
CA MET D 165 -15.24 -45.41 -10.75
C MET D 165 -15.88 -46.20 -11.91
N ALA D 166 -17.09 -46.71 -11.67
CA ALA D 166 -17.83 -47.48 -12.66
C ALA D 166 -19.27 -47.76 -12.21
N GLU D 167 -19.51 -47.63 -10.91
CA GLU D 167 -20.84 -47.85 -10.31
C GLU D 167 -21.53 -46.51 -9.96
N VAL D 168 -21.26 -45.48 -10.77
CA VAL D 168 -21.84 -44.15 -10.60
C VAL D 168 -23.30 -44.21 -11.03
N GLY D 169 -24.22 -44.25 -10.06
CA GLY D 169 -25.63 -44.31 -10.39
C GLY D 169 -26.27 -42.96 -10.74
N LEU D 170 -27.49 -42.75 -10.27
CA LEU D 170 -28.19 -41.50 -10.51
C LEU D 170 -28.24 -40.66 -9.22
N ASP D 171 -27.66 -41.21 -8.14
CA ASP D 171 -27.59 -40.57 -6.81
C ASP D 171 -26.18 -40.07 -6.51
N HIS D 172 -25.20 -40.73 -7.10
CA HIS D 172 -23.79 -40.35 -6.97
C HIS D 172 -23.55 -39.19 -7.96
N LEU D 173 -24.14 -39.31 -9.15
CA LEU D 173 -24.02 -38.29 -10.20
C LEU D 173 -25.00 -37.12 -9.97
N GLU D 174 -25.93 -37.32 -9.03
CA GLU D 174 -26.91 -36.28 -8.70
C GLU D 174 -26.26 -35.32 -7.71
N PHE D 175 -25.51 -35.88 -6.75
CA PHE D 175 -24.79 -35.13 -5.72
C PHE D 175 -23.71 -34.21 -6.31
N ILE D 176 -22.79 -34.79 -7.07
CA ILE D 176 -21.70 -34.05 -7.71
C ILE D 176 -22.26 -32.87 -8.51
N HIS D 177 -23.24 -33.16 -9.36
CA HIS D 177 -23.89 -32.15 -10.23
C HIS D 177 -24.84 -31.17 -9.49
N HIS D 178 -25.22 -31.56 -8.27
CA HIS D 178 -26.09 -30.79 -7.36
C HIS D 178 -25.19 -29.91 -6.51
N HIS D 179 -23.87 -30.21 -6.53
CA HIS D 179 -22.87 -29.48 -5.74
C HIS D 179 -21.80 -28.75 -6.57
N LYS D 180 -21.02 -29.50 -7.34
CA LYS D 180 -19.92 -28.94 -8.15
C LYS D 180 -20.43 -27.98 -9.26
N THR D 181 -21.44 -27.17 -8.90
CA THR D 181 -22.03 -26.22 -9.82
C THR D 181 -23.45 -25.84 -9.43
N ALA D 182 -24.32 -26.80 -9.22
CA ALA D 182 -25.64 -26.43 -8.82
C ALA D 182 -25.62 -25.48 -7.58
N ALA D 183 -24.81 -25.83 -6.58
CA ALA D 183 -24.73 -25.11 -5.32
C ALA D 183 -24.53 -23.59 -5.41
N LEU D 184 -23.56 -23.15 -6.19
CA LEU D 184 -23.31 -21.73 -6.32
C LEU D 184 -24.44 -21.05 -7.09
N LEU D 185 -24.97 -21.71 -8.12
CA LEU D 185 -26.12 -21.16 -8.88
C LEU D 185 -27.28 -21.07 -7.94
N GLN D 186 -27.48 -22.10 -7.19
CA GLN D 186 -28.56 -22.12 -6.26
C GLN D 186 -28.39 -20.94 -5.31
N GLY D 187 -27.21 -20.85 -4.72
CA GLY D 187 -26.93 -19.75 -3.80
C GLY D 187 -27.10 -18.34 -4.35
N SER D 188 -26.81 -18.19 -5.64
CA SER D 188 -26.99 -16.88 -6.28
C SER D 188 -28.47 -16.38 -6.18
N VAL D 189 -29.43 -17.26 -6.48
CA VAL D 189 -30.85 -16.97 -6.43
C VAL D 189 -31.27 -16.58 -4.97
N VAL D 190 -30.82 -17.35 -3.97
CA VAL D 190 -31.12 -17.10 -2.59
C VAL D 190 -30.63 -15.76 -2.04
N LEU D 191 -29.37 -15.41 -2.32
CA LEU D 191 -28.86 -14.14 -1.83
C LEU D 191 -29.76 -13.02 -2.36
N GLY D 192 -30.12 -13.11 -3.65
CA GLY D 192 -30.96 -12.10 -4.25
C GLY D 192 -32.34 -12.01 -3.62
N ALA D 193 -32.97 -13.18 -3.47
CA ALA D 193 -34.29 -13.19 -2.89
C ALA D 193 -34.34 -12.57 -1.47
N ILE D 194 -33.33 -12.84 -0.64
CA ILE D 194 -33.30 -12.35 0.73
C ILE D 194 -32.94 -10.90 0.75
N LEU D 195 -32.06 -10.50 -0.16
CA LEU D 195 -31.61 -9.13 -0.21
C LEU D 195 -32.71 -8.18 -0.65
N GLY D 196 -33.67 -8.72 -1.42
CA GLY D 196 -34.75 -7.89 -1.92
C GLY D 196 -35.86 -7.79 -0.86
N GLY D 197 -35.68 -8.51 0.22
CA GLY D 197 -36.68 -8.47 1.25
C GLY D 197 -37.73 -9.55 1.00
N GLY D 198 -37.38 -10.62 0.28
CA GLY D 198 -38.36 -11.68 0.06
C GLY D 198 -38.83 -12.28 1.39
N LYS D 199 -40.08 -12.72 1.43
CA LYS D 199 -40.68 -13.31 2.62
C LYS D 199 -40.21 -14.73 2.55
N GLU D 200 -40.33 -15.42 3.67
CA GLU D 200 -39.85 -16.77 3.72
C GLU D 200 -40.39 -17.73 2.66
N GLU D 201 -41.68 -17.64 2.38
CA GLU D 201 -42.22 -18.56 1.42
C GLU D 201 -41.68 -18.36 0.01
N GLU D 202 -41.36 -17.10 -0.30
CA GLU D 202 -40.80 -16.68 -1.58
C GLU D 202 -39.38 -17.17 -1.66
N VAL D 203 -38.63 -17.05 -0.56
CA VAL D 203 -37.27 -17.56 -0.57
C VAL D 203 -37.31 -19.10 -0.74
N ALA D 204 -38.30 -19.76 -0.12
CA ALA D 204 -38.45 -21.22 -0.22
C ALA D 204 -38.70 -21.65 -1.65
N LYS D 205 -39.55 -20.89 -2.36
CA LYS D 205 -39.93 -21.14 -3.76
C LYS D 205 -38.79 -20.95 -4.75
N LEU D 206 -38.08 -19.86 -4.58
CA LEU D 206 -36.93 -19.56 -5.40
C LEU D 206 -35.76 -20.55 -5.15
N ARG D 207 -35.63 -21.04 -3.93
CA ARG D 207 -34.59 -21.99 -3.55
C ARG D 207 -34.87 -23.30 -4.31
N LYS D 208 -36.13 -23.68 -4.35
CA LYS D 208 -36.54 -24.87 -5.08
C LYS D 208 -36.32 -24.67 -6.58
N PHE D 209 -36.77 -23.54 -7.09
CA PHE D 209 -36.54 -23.20 -8.51
C PHE D 209 -35.05 -23.25 -8.81
N ALA D 210 -34.32 -22.75 -7.82
CA ALA D 210 -32.87 -22.65 -7.83
C ALA D 210 -32.26 -24.05 -7.98
N ASN D 211 -32.86 -24.97 -7.25
CA ASN D 211 -32.43 -26.35 -7.30
C ASN D 211 -32.54 -26.86 -8.74
N CYS D 212 -33.71 -26.67 -9.36
CA CYS D 212 -33.92 -27.16 -10.71
C CYS D 212 -33.02 -26.55 -11.73
N ILE D 213 -32.86 -25.23 -11.72
CA ILE D 213 -32.00 -24.73 -12.76
C ILE D 213 -30.57 -25.13 -12.45
N GLY D 214 -30.27 -25.31 -11.16
CA GLY D 214 -28.95 -25.70 -10.70
C GLY D 214 -28.57 -27.01 -11.36
N LEU D 215 -29.43 -28.00 -11.18
CA LEU D 215 -29.19 -29.28 -11.81
C LEU D 215 -29.21 -29.08 -13.35
N LEU D 216 -30.16 -28.31 -13.85
CA LEU D 216 -30.26 -28.09 -15.29
C LEU D 216 -28.96 -27.57 -15.85
N PHE D 217 -28.34 -26.63 -15.14
CA PHE D 217 -27.08 -26.03 -15.60
C PHE D 217 -26.03 -27.12 -15.68
N GLN D 218 -26.00 -27.99 -14.66
CA GLN D 218 -25.03 -29.08 -14.66
C GLN D 218 -25.19 -30.04 -15.86
N VAL D 219 -26.43 -30.47 -16.08
CA VAL D 219 -26.80 -31.39 -17.14
C VAL D 219 -26.47 -30.77 -18.48
N VAL D 220 -26.87 -29.52 -18.65
CA VAL D 220 -26.64 -28.86 -19.92
C VAL D 220 -25.16 -28.69 -20.17
N ASP D 221 -24.39 -28.58 -19.10
CA ASP D 221 -22.96 -28.42 -19.23
C ASP D 221 -22.38 -29.72 -19.84
N ASP D 222 -22.75 -30.87 -19.29
CA ASP D 222 -22.24 -32.15 -19.79
C ASP D 222 -22.56 -32.37 -21.28
N ILE D 223 -23.65 -31.78 -21.76
CA ILE D 223 -24.05 -31.88 -23.16
C ILE D 223 -23.18 -31.00 -24.08
N LEU D 224 -22.75 -29.85 -23.58
CA LEU D 224 -21.91 -28.92 -24.32
C LEU D 224 -20.47 -29.43 -24.36
N ASP D 225 -20.10 -30.27 -23.39
CA ASP D 225 -18.75 -30.84 -23.35
C ASP D 225 -18.60 -31.79 -24.54
N VAL D 226 -19.52 -32.75 -24.61
CA VAL D 226 -19.55 -33.78 -25.64
C VAL D 226 -20.17 -33.43 -27.02
N THR D 227 -20.33 -32.15 -27.34
CA THR D 227 -20.87 -31.74 -28.64
C THR D 227 -20.14 -30.50 -29.16
N THR D 246 -17.94 -39.99 -17.26
CA THR D 246 -19.07 -40.31 -16.35
C THR D 246 -19.93 -39.07 -15.99
N THR D 247 -21.06 -38.95 -16.68
CA THR D 247 -22.03 -37.87 -16.50
C THR D 247 -23.36 -38.36 -17.05
N TYR D 248 -24.39 -37.50 -17.04
CA TYR D 248 -25.71 -37.90 -17.54
C TYR D 248 -25.68 -38.47 -18.95
N PRO D 249 -24.89 -37.84 -19.86
CA PRO D 249 -24.78 -38.29 -21.25
C PRO D 249 -24.49 -39.79 -21.30
N LYS D 250 -23.52 -40.20 -20.50
CA LYS D 250 -23.09 -41.58 -20.39
C LYS D 250 -24.22 -42.54 -19.97
N LEU D 251 -24.81 -42.26 -18.81
CA LEU D 251 -25.87 -43.07 -18.20
C LEU D 251 -27.14 -43.38 -19.02
N ILE D 252 -27.93 -42.36 -19.35
CA ILE D 252 -29.17 -42.58 -20.12
C ILE D 252 -29.04 -42.19 -21.59
N GLY D 253 -27.92 -41.58 -21.97
CA GLY D 253 -27.70 -41.18 -23.35
C GLY D 253 -28.61 -40.06 -23.81
N VAL D 254 -28.02 -39.05 -24.45
CA VAL D 254 -28.76 -37.88 -24.95
C VAL D 254 -30.24 -38.09 -25.33
N GLU D 255 -30.59 -39.30 -25.76
CA GLU D 255 -31.99 -39.56 -26.13
C GLU D 255 -32.92 -39.63 -24.90
N LYS D 256 -32.56 -38.85 -23.88
CA LYS D 256 -33.30 -38.75 -22.63
C LYS D 256 -32.47 -37.87 -21.69
N SER D 257 -31.27 -37.51 -22.15
CA SER D 257 -30.39 -36.63 -21.38
C SER D 257 -30.77 -35.20 -21.78
N LYS D 258 -31.10 -35.04 -23.06
CA LYS D 258 -31.54 -33.75 -23.55
C LYS D 258 -32.99 -33.58 -23.09
N GLU D 259 -33.66 -34.72 -22.87
CA GLU D 259 -35.04 -34.75 -22.40
C GLU D 259 -35.12 -34.43 -20.90
N PHE D 260 -34.13 -34.88 -20.13
CA PHE D 260 -34.09 -34.64 -18.69
C PHE D 260 -34.01 -33.14 -18.44
N ALA D 261 -33.19 -32.48 -19.23
CA ALA D 261 -33.01 -31.04 -19.12
C ALA D 261 -34.37 -30.38 -19.41
N ASP D 262 -35.11 -30.95 -20.36
CA ASP D 262 -36.39 -30.40 -20.71
C ASP D 262 -37.36 -30.47 -19.55
N ARG D 263 -37.27 -31.54 -18.76
CA ARG D 263 -38.17 -31.69 -17.63
C ARG D 263 -37.77 -30.70 -16.54
N LEU D 264 -36.48 -30.62 -16.28
CA LEU D 264 -36.00 -29.72 -15.25
C LEU D 264 -36.50 -28.29 -15.52
N ASN D 265 -36.19 -27.76 -16.70
CA ASN D 265 -36.60 -26.43 -17.09
C ASN D 265 -38.08 -26.25 -16.78
N ARG D 266 -38.90 -27.23 -17.13
CA ARG D 266 -40.33 -27.14 -16.87
C ARG D 266 -40.61 -26.93 -15.41
N GLU D 267 -40.18 -27.88 -14.57
CA GLU D 267 -40.45 -27.80 -13.14
C GLU D 267 -39.83 -26.55 -12.55
N ALA D 268 -38.80 -26.04 -13.21
CA ALA D 268 -38.15 -24.83 -12.74
C ALA D 268 -39.16 -23.72 -12.91
N GLN D 269 -39.66 -23.61 -14.15
CA GLN D 269 -40.63 -22.61 -14.54
C GLN D 269 -41.96 -22.79 -13.85
N GLU D 270 -42.19 -23.99 -13.32
CA GLU D 270 -43.42 -24.27 -12.63
C GLU D 270 -43.38 -23.63 -11.24
N GLN D 271 -42.21 -23.58 -10.61
CA GLN D 271 -42.07 -22.94 -9.33
C GLN D 271 -42.33 -21.44 -9.46
N LEU D 272 -41.89 -20.89 -10.60
CA LEU D 272 -42.05 -19.46 -10.88
C LEU D 272 -43.53 -19.02 -10.90
N LEU D 273 -44.43 -19.99 -10.98
CA LEU D 273 -45.86 -19.70 -10.99
C LEU D 273 -46.29 -19.10 -9.65
N HIS D 274 -45.42 -19.15 -8.66
CA HIS D 274 -45.79 -18.60 -7.36
C HIS D 274 -46.02 -17.09 -7.50
N PHE D 275 -45.30 -16.53 -8.48
CA PHE D 275 -45.22 -15.12 -8.82
C PHE D 275 -45.99 -14.63 -10.06
N HIS D 276 -46.28 -13.31 -10.07
CA HIS D 276 -46.98 -12.69 -11.20
C HIS D 276 -46.17 -12.98 -12.50
N PRO D 277 -46.83 -13.42 -13.57
CA PRO D 277 -46.00 -13.69 -14.75
C PRO D 277 -45.18 -12.56 -15.33
N HIS D 278 -45.60 -11.31 -15.13
CA HIS D 278 -44.87 -10.16 -15.65
C HIS D 278 -43.51 -10.01 -14.94
N ARG D 279 -43.50 -10.15 -13.60
CA ARG D 279 -42.29 -10.06 -12.79
C ARG D 279 -41.37 -11.23 -13.01
N ALA D 280 -41.94 -12.42 -13.21
CA ALA D 280 -41.09 -13.57 -13.36
C ALA D 280 -40.43 -13.76 -14.72
N ALA D 281 -40.75 -12.90 -15.69
CA ALA D 281 -40.22 -13.09 -17.06
C ALA D 281 -38.67 -13.21 -17.15
N PRO D 282 -37.96 -12.37 -16.40
CA PRO D 282 -36.54 -12.44 -16.46
C PRO D 282 -36.08 -13.81 -16.02
N LEU D 283 -36.56 -14.28 -14.86
CA LEU D 283 -36.10 -15.60 -14.40
C LEU D 283 -36.55 -16.72 -15.32
N ILE D 284 -37.71 -16.58 -15.95
CA ILE D 284 -38.19 -17.56 -16.92
C ILE D 284 -37.17 -17.49 -18.08
N ALA D 285 -36.77 -16.28 -18.42
CA ALA D 285 -35.81 -16.08 -19.49
C ALA D 285 -34.45 -16.73 -19.13
N LEU D 286 -33.84 -16.26 -18.04
CA LEU D 286 -32.55 -16.83 -17.59
C LEU D 286 -32.67 -18.33 -17.52
N ALA D 287 -33.86 -18.87 -17.24
CA ALA D 287 -33.96 -20.32 -17.19
C ALA D 287 -33.78 -20.90 -18.60
N ASN D 288 -34.43 -20.30 -19.57
CA ASN D 288 -34.37 -20.84 -20.92
C ASN D 288 -33.03 -20.75 -21.54
N TYR D 289 -32.37 -19.65 -21.17
CA TYR D 289 -31.05 -19.36 -21.65
C TYR D 289 -30.07 -20.38 -21.09
N ILE D 290 -30.32 -20.83 -19.85
CA ILE D 290 -29.49 -21.83 -19.19
C ILE D 290 -29.74 -23.19 -19.91
N ALA D 291 -30.97 -23.34 -20.41
CA ALA D 291 -31.41 -24.52 -21.14
C ALA D 291 -30.90 -24.57 -22.59
N TYR D 292 -31.04 -23.47 -23.32
CA TYR D 292 -30.67 -23.42 -24.75
C TYR D 292 -29.48 -22.53 -25.13
N ARG D 293 -28.41 -22.61 -24.34
CA ARG D 293 -27.23 -21.81 -24.59
C ARG D 293 -26.28 -22.65 -25.41
N ASP D 294 -25.33 -22.02 -26.12
CA ASP D 294 -24.41 -22.84 -26.89
C ASP D 294 -23.02 -22.85 -26.27
N ASN D 295 -22.67 -21.78 -25.56
CA ASN D 295 -21.37 -21.68 -24.88
C ASN D 295 -21.56 -21.49 -23.38
C1 IPE E . 29.15 14.02 7.00
O1 IPE E . 28.90 14.34 8.42
C2 IPE E . 28.73 15.06 5.92
C3 IPE E . 29.20 16.36 5.73
C4 IPE E . 30.30 17.04 6.58
C5 IPE E . 28.63 17.17 4.60
PA IPE E . 28.80 13.21 9.64
O1A IPE E . 30.30 12.90 10.13
O2A IPE E . 27.80 13.91 10.57
O3A IPE E . 28.39 11.73 9.43
PB IPE E . 27.29 11.00 10.28
O1B IPE E . 25.89 11.59 10.30
O2B IPE E . 27.80 10.73 11.69
O3B IPE E . 26.91 9.58 9.70
C1 EDO F . -5.76 -22.35 16.87
O1 EDO F . -5.07 -21.44 15.94
C2 EDO F . -5.94 -21.76 18.34
O2 EDO F . -4.81 -20.91 18.73
C1 IPE G . -18.80 -23.00 -15.42
O1 IPE G . -20.04 -22.32 -15.69
C2 IPE G . -18.83 -24.49 -15.18
C3 IPE G . -18.66 -25.13 -13.98
C4 IPE G . -18.41 -24.40 -12.61
C5 IPE G . -18.72 -26.65 -14.04
PA IPE G . -20.00 -21.11 -16.78
O1A IPE G . -20.36 -21.82 -18.14
O2A IPE G . -20.98 -20.14 -16.12
O3A IPE G . -18.66 -20.38 -17.19
PB IPE G . -18.53 -18.82 -17.57
O1B IPE G . -18.48 -17.81 -16.45
O2B IPE G . -19.59 -18.45 -18.56
O3B IPE G . -17.21 -18.40 -18.29
#